data_6DKJ
#
_entry.id   6DKJ
#
_cell.length_a   55.907
_cell.length_b   63.649
_cell.length_c   159.099
_cell.angle_alpha   90.000
_cell.angle_beta   92.560
_cell.angle_gamma   90.000
#
_symmetry.space_group_name_H-M   'P 1 21 1'
#
loop_
_entity.id
_entity.type
_entity.pdbx_description
1 polymer 'Fab heavy chain'
2 polymer 'Fab light chain'
3 polymer 'Gastric inhibitory polypeptide receptor'
4 non-polymer 1,2-ETHANEDIOL
5 water water
#
loop_
_entity_poly.entity_id
_entity_poly.type
_entity_poly.pdbx_seq_one_letter_code
_entity_poly.pdbx_strand_id
1 'polypeptide(L)'
;QVQLVESGGGVVQPGRSLRLSCAASGFTFSNYGMHWVRQAPGEGLEWVAAIWFDASDKYYADAVKGRFTISRDNSKNTLY
LQMNSLRAEDTAVYYCARDQAIFGVVPDYWGQGTLVTVSSASTKGPSVFPLAPSSKSTSGGTAALGCLVKDYFPEPVTVS
WNSGALTSGVHTFPAVLQSSGLYSLSSVVTVPSSSLGTQTYICNVNHKPSNTKVDKKVEPKSC
;
H,A
2 'polypeptide(L)'
;EIVMTQSPATLSVSPGERATLSCRASQSVSSNLAWYQQKPGQAPRLLIYGAATRATGIPARVSGSGSGTEFTLTISSLQS
EDFAVYYCQQYNNWPLTFGGGTKVEIKRTVAAPSVFIFPPSDEQLKSGTASVVCLLNNFYPREAKVQWKVDNALQSGNSQ
ESVTEQDSKDSTYSLSSTLTLSKADYEKHKVYACEVTHQGLSSPVTKSFNRGEC
;
L,B
3 'polypeptide(L)'
;RAETGSKGQTAGELYQRWERYRRECQETLAAAEPPSGLACNGSFDMYVCWDYAAPNATARASCPWYLPWHHHVAAGFVLR
QCGSDGQWGLWRDHTQCENPEKNEAFLDQRLILERLQ
;
C,D
#
loop_
_chem_comp.id
_chem_comp.type
_chem_comp.name
_chem_comp.formula
EDO non-polymer 1,2-ETHANEDIOL 'C2 H6 O2'
#
# COMPACT_ATOMS: atom_id res chain seq x y z
N GLN A 1 -44.79 26.26 14.21
CA GLN A 1 -44.91 24.80 14.35
C GLN A 1 -43.58 24.25 14.89
N VAL A 2 -43.33 22.95 14.70
CA VAL A 2 -42.20 22.28 15.35
C VAL A 2 -40.88 22.91 14.92
N GLN A 3 -40.07 23.26 15.91
CA GLN A 3 -38.75 23.83 15.67
C GLN A 3 -37.77 23.18 16.64
N LEU A 4 -36.70 22.59 16.10
CA LEU A 4 -35.62 22.02 16.89
C LEU A 4 -34.32 22.62 16.39
N VAL A 5 -33.52 23.19 17.29
CA VAL A 5 -32.24 23.79 16.92
C VAL A 5 -31.17 23.21 17.84
N GLU A 6 -30.14 22.61 17.23
CA GLU A 6 -29.06 21.98 17.96
C GLU A 6 -27.97 23.01 18.28
N SER A 7 -27.24 22.74 19.36
CA SER A 7 -26.15 23.61 19.77
C SER A 7 -25.07 22.77 20.43
N GLY A 8 -23.88 23.35 20.54
CA GLY A 8 -22.77 22.70 21.19
C GLY A 8 -21.83 21.96 20.27
N GLY A 9 -22.07 21.98 18.96
CA GLY A 9 -21.18 21.32 18.03
C GLY A 9 -19.89 22.11 17.84
N GLY A 10 -18.85 21.38 17.44
CA GLY A 10 -17.54 21.98 17.25
C GLY A 10 -16.47 20.91 17.16
N VAL A 11 -15.24 21.33 17.45
CA VAL A 11 -14.07 20.47 17.36
C VAL A 11 -13.74 19.92 18.76
N VAL A 12 -13.48 18.63 18.83
CA VAL A 12 -13.09 17.97 20.07
C VAL A 12 -11.93 17.03 19.76
N GLN A 13 -10.98 16.96 20.68
CA GLN A 13 -9.84 16.07 20.50
C GLN A 13 -10.23 14.63 20.78
N PRO A 14 -9.58 13.67 20.14
CA PRO A 14 -9.90 12.26 20.39
C PRO A 14 -9.74 11.89 21.86
N GLY A 15 -10.71 11.12 22.37
CA GLY A 15 -10.74 10.73 23.75
C GLY A 15 -11.40 11.73 24.67
N ARG A 16 -11.69 12.93 24.21
CA ARG A 16 -12.29 13.95 25.05
C ARG A 16 -13.82 13.84 25.03
N SER A 17 -14.47 14.75 25.74
CA SER A 17 -15.92 14.74 25.87
C SER A 17 -16.53 15.98 25.26
N LEU A 18 -17.81 15.86 24.88
CA LEU A 18 -18.57 16.98 24.34
C LEU A 18 -20.05 16.72 24.61
N ARG A 19 -20.78 17.78 24.88
CA ARG A 19 -22.22 17.67 25.10
C ARG A 19 -22.97 18.56 24.12
N LEU A 20 -23.93 17.98 23.43
CA LEU A 20 -24.82 18.71 22.54
C LEU A 20 -26.13 18.99 23.26
N SER A 21 -26.79 20.08 22.84
CA SER A 21 -28.10 20.42 23.35
C SER A 21 -29.04 20.69 22.18
N CYS A 22 -30.33 20.57 22.44
CA CYS A 22 -31.37 20.82 21.45
C CYS A 22 -32.52 21.53 22.12
N ALA A 23 -32.89 22.70 21.60
CA ALA A 23 -33.99 23.49 22.13
C ALA A 23 -35.22 23.31 21.26
N ALA A 24 -36.34 22.98 21.88
CA ALA A 24 -37.58 22.67 21.17
C ALA A 24 -38.60 23.79 21.38
N SER A 25 -39.41 24.02 20.34
CA SER A 25 -40.50 24.97 20.41
C SER A 25 -41.56 24.57 19.38
N GLY A 26 -42.74 25.15 19.51
CA GLY A 26 -43.83 24.84 18.61
C GLY A 26 -44.60 23.58 18.94
N PHE A 27 -44.28 22.91 20.04
CA PHE A 27 -45.01 21.75 20.50
C PHE A 27 -44.71 21.56 21.98
N THR A 28 -45.54 20.74 22.64
CA THR A 28 -45.39 20.52 24.08
C THR A 28 -44.28 19.51 24.29
N PHE A 29 -43.11 20.00 24.70
CA PHE A 29 -41.92 19.18 24.77
C PHE A 29 -42.12 17.97 25.68
N SER A 30 -42.82 18.16 26.80
CA SER A 30 -42.98 17.11 27.80
C SER A 30 -43.91 15.99 27.35
N ASN A 31 -44.58 16.12 26.20
CA ASN A 31 -45.50 15.11 25.72
C ASN A 31 -44.89 14.16 24.70
N TYR A 32 -43.59 14.29 24.40
CA TYR A 32 -42.99 13.53 23.32
C TYR A 32 -41.63 12.97 23.74
N GLY A 33 -41.33 11.76 23.26
CA GLY A 33 -39.97 11.27 23.30
C GLY A 33 -39.11 12.04 22.31
N MET A 34 -37.81 11.75 22.35
CA MET A 34 -36.85 12.45 21.49
C MET A 34 -35.80 11.46 21.02
N HIS A 35 -35.09 11.84 19.94
CA HIS A 35 -34.06 11.03 19.31
C HIS A 35 -32.81 11.85 19.06
N TRP A 36 -31.67 11.16 18.97
CA TRP A 36 -30.47 11.68 18.34
C TRP A 36 -30.09 10.76 17.20
N VAL A 37 -29.83 11.35 16.03
CA VAL A 37 -29.36 10.62 14.86
C VAL A 37 -28.20 11.39 14.27
N ARG A 38 -27.20 10.67 13.77
CA ARG A 38 -26.02 11.31 13.22
C ARG A 38 -25.80 10.87 11.78
N GLN A 39 -25.01 11.65 11.06
CA GLN A 39 -24.70 11.34 9.66
C GLN A 39 -23.28 11.81 9.37
N ALA A 40 -22.39 10.86 9.10
CA ALA A 40 -21.04 11.22 8.70
C ALA A 40 -21.06 11.83 7.30
N PRO A 41 -20.13 12.73 7.00
CA PRO A 41 -20.14 13.38 5.68
C PRO A 41 -20.05 12.36 4.55
N GLY A 42 -21.00 12.44 3.62
CA GLY A 42 -21.08 11.53 2.51
C GLY A 42 -21.71 10.18 2.81
N GLU A 43 -22.22 9.98 4.01
CA GLU A 43 -22.69 8.68 4.46
C GLU A 43 -24.19 8.74 4.78
N GLY A 44 -24.72 7.61 5.26
CA GLY A 44 -26.13 7.50 5.56
C GLY A 44 -26.46 7.83 7.01
N LEU A 45 -27.75 7.76 7.31
CA LEU A 45 -28.24 8.06 8.65
C LEU A 45 -27.91 6.92 9.61
N GLU A 46 -27.46 7.26 10.81
CA GLU A 46 -27.14 6.28 11.84
C GLU A 46 -27.82 6.71 13.14
N TRP A 47 -28.77 5.90 13.60
CA TRP A 47 -29.44 6.18 14.87
C TRP A 47 -28.43 6.13 16.01
N VAL A 48 -28.60 7.04 16.98
CA VAL A 48 -27.69 7.15 18.12
C VAL A 48 -28.39 6.81 19.44
N ALA A 49 -29.50 7.49 19.75
CA ALA A 49 -30.14 7.30 21.04
C ALA A 49 -31.55 7.89 21.03
N ALA A 50 -32.36 7.44 22.00
CA ALA A 50 -33.71 7.93 22.18
C ALA A 50 -34.07 7.85 23.65
N ILE A 51 -35.11 8.59 24.04
CA ILE A 51 -35.45 8.76 25.46
C ILE A 51 -36.96 8.97 25.58
N TRP A 52 -37.54 8.41 26.64
CA TRP A 52 -38.97 8.56 26.91
C TRP A 52 -39.33 10.02 27.16
N PHE A 53 -40.63 10.31 27.07
CA PHE A 53 -41.12 11.66 27.33
C PHE A 53 -40.74 12.15 28.72
N ASP A 54 -40.63 11.23 29.69
CA ASP A 54 -40.31 11.58 31.07
C ASP A 54 -38.99 10.96 31.51
N ALA A 55 -38.17 10.49 30.57
CA ALA A 55 -36.87 9.88 30.85
C ALA A 55 -37.00 8.58 31.64
N SER A 56 -38.14 7.90 31.51
CA SER A 56 -38.34 6.62 32.19
C SER A 56 -37.30 5.60 31.74
N ASP A 57 -36.93 5.63 30.46
CA ASP A 57 -35.96 4.69 29.92
C ASP A 57 -35.19 5.38 28.81
N LYS A 58 -34.03 4.82 28.49
CA LYS A 58 -33.14 5.35 27.47
C LYS A 58 -32.61 4.20 26.63
N TYR A 59 -32.39 4.46 25.35
CA TYR A 59 -31.95 3.44 24.40
C TYR A 59 -30.79 3.97 23.58
N TYR A 60 -29.82 3.11 23.29
CA TYR A 60 -28.59 3.51 22.64
C TYR A 60 -28.21 2.52 21.56
N ALA A 61 -27.56 3.03 20.51
CA ALA A 61 -27.03 2.17 19.46
C ALA A 61 -25.76 1.47 19.96
N ASP A 62 -25.50 0.27 19.40
CA ASP A 62 -24.33 -0.50 19.79
C ASP A 62 -23.06 0.32 19.66
N ALA A 63 -22.98 1.17 18.62
CA ALA A 63 -21.76 1.91 18.34
C ALA A 63 -21.40 2.91 19.44
N VAL A 64 -22.36 3.32 20.27
CA VAL A 64 -22.13 4.33 21.30
C VAL A 64 -22.37 3.80 22.70
N LYS A 65 -22.68 2.52 22.86
CA LYS A 65 -22.94 1.93 24.17
C LYS A 65 -21.75 2.16 25.10
N GLY A 66 -22.04 2.59 26.33
CA GLY A 66 -21.02 2.83 27.32
C GLY A 66 -20.32 4.17 27.22
N ARG A 67 -20.63 4.97 26.21
CA ARG A 67 -19.95 6.26 26.02
C ARG A 67 -20.89 7.45 26.00
N PHE A 68 -22.09 7.31 25.44
CA PHE A 68 -23.01 8.43 25.29
C PHE A 68 -24.14 8.33 26.32
N THR A 69 -24.65 9.50 26.71
CA THR A 69 -25.75 9.58 27.67
C THR A 69 -26.75 10.64 27.19
N ILE A 70 -27.97 10.20 26.89
CA ILE A 70 -29.04 11.10 26.48
C ILE A 70 -29.85 11.49 27.71
N SER A 71 -30.34 12.73 27.74
CA SER A 71 -31.11 13.23 28.88
C SER A 71 -31.90 14.46 28.43
N ARG A 72 -32.76 14.94 29.33
CA ARG A 72 -33.64 16.05 28.98
C ARG A 72 -34.03 16.83 30.22
N ASP A 73 -34.25 18.13 30.03
CA ASP A 73 -34.78 19.03 31.05
C ASP A 73 -36.08 19.61 30.49
N ASN A 74 -37.21 19.05 30.93
CA ASN A 74 -38.49 19.45 30.36
C ASN A 74 -38.84 20.89 30.72
N SER A 75 -38.39 21.37 31.89
CA SER A 75 -38.68 22.75 32.29
C SER A 75 -37.99 23.76 31.38
N LYS A 76 -36.86 23.38 30.77
CA LYS A 76 -36.15 24.23 29.84
C LYS A 76 -36.36 23.83 28.39
N ASN A 77 -37.22 22.85 28.13
CA ASN A 77 -37.53 22.40 26.77
C ASN A 77 -36.26 22.01 26.01
N THR A 78 -35.31 21.39 26.71
CA THR A 78 -34.01 21.07 26.14
C THR A 78 -33.72 19.58 26.23
N LEU A 79 -33.17 19.04 25.14
CA LEU A 79 -32.63 17.68 25.07
C LEU A 79 -31.12 17.74 25.05
N TYR A 80 -30.47 16.74 25.65
CA TYR A 80 -29.02 16.71 25.75
C TYR A 80 -28.46 15.39 25.22
N LEU A 81 -27.21 15.45 24.77
CA LEU A 81 -26.44 14.25 24.46
C LEU A 81 -25.02 14.47 24.99
N GLN A 82 -24.66 13.69 26.01
CA GLN A 82 -23.31 13.74 26.57
C GLN A 82 -22.46 12.66 25.90
N MET A 83 -21.39 13.07 25.25
CA MET A 83 -20.54 12.18 24.47
C MET A 83 -19.16 12.11 25.09
N ASN A 84 -18.76 10.92 25.53
CA ASN A 84 -17.45 10.68 26.12
C ASN A 84 -16.63 9.77 25.23
N SER A 85 -15.31 9.79 25.45
CA SER A 85 -14.36 8.93 24.74
C SER A 85 -14.60 8.98 23.24
N LEU A 86 -14.70 10.18 22.71
CA LEU A 86 -14.99 10.36 21.29
C LEU A 86 -13.80 9.91 20.44
N ARG A 87 -14.12 9.33 19.28
CA ARG A 87 -13.14 8.86 18.32
C ARG A 87 -13.36 9.56 16.98
N ALA A 88 -12.36 9.44 16.11
CA ALA A 88 -12.43 10.11 14.81
C ALA A 88 -13.69 9.70 14.05
N GLU A 89 -14.06 8.43 14.12
CA GLU A 89 -15.26 7.96 13.41
C GLU A 89 -16.56 8.43 14.03
N ASP A 90 -16.51 9.20 15.12
CA ASP A 90 -17.69 9.88 15.65
C ASP A 90 -17.96 11.20 14.95
N THR A 91 -17.08 11.63 14.05
CA THR A 91 -17.29 12.84 13.27
C THR A 91 -18.55 12.71 12.42
N ALA A 92 -19.47 13.66 12.57
CA ALA A 92 -20.76 13.58 11.89
C ALA A 92 -21.57 14.84 12.19
N VAL A 93 -22.59 15.05 11.38
CA VAL A 93 -23.65 15.98 11.74
C VAL A 93 -24.61 15.25 12.67
N TYR A 94 -24.94 15.86 13.80
CA TYR A 94 -25.80 15.25 14.80
C TYR A 94 -27.17 15.91 14.78
N TYR A 95 -28.19 15.11 14.50
CA TYR A 95 -29.56 15.59 14.37
C TYR A 95 -30.33 15.38 15.66
N CYS A 96 -31.11 16.38 16.04
CA CYS A 96 -32.14 16.27 17.07
C CYS A 96 -33.47 15.99 16.39
N ALA A 97 -34.24 15.08 16.95
CA ALA A 97 -35.49 14.68 16.31
C ALA A 97 -36.55 14.34 17.35
N ARG A 98 -37.77 14.82 17.12
CA ARG A 98 -38.89 14.50 17.98
C ARG A 98 -39.43 13.11 17.65
N ASP A 99 -39.82 12.37 18.67
CA ASP A 99 -40.44 11.07 18.47
C ASP A 99 -41.89 11.26 18.05
N GLN A 100 -42.41 10.27 17.31
CA GLN A 100 -43.82 10.28 16.94
C GLN A 100 -44.70 10.03 18.17
N ALA A 101 -44.18 9.32 19.17
CA ALA A 101 -44.93 9.05 20.38
C ALA A 101 -44.13 9.48 21.61
N ILE A 102 -44.15 8.66 22.67
CA ILE A 102 -43.56 9.02 23.94
C ILE A 102 -42.39 8.13 24.32
N PHE A 103 -42.01 7.18 23.47
CA PHE A 103 -40.98 6.20 23.82
C PHE A 103 -39.67 6.39 23.09
N GLY A 104 -39.69 6.90 21.86
CA GLY A 104 -38.50 6.94 21.04
C GLY A 104 -38.45 5.78 20.07
N VAL A 105 -39.33 5.81 19.06
CA VAL A 105 -39.42 4.71 18.11
C VAL A 105 -39.37 5.23 16.67
N VAL A 106 -39.92 6.42 16.44
CA VAL A 106 -39.99 6.98 15.09
C VAL A 106 -39.69 8.48 15.13
N PRO A 107 -38.52 8.92 14.67
CA PRO A 107 -38.26 10.37 14.57
C PRO A 107 -39.10 11.03 13.49
N ASP A 108 -40.11 11.81 13.88
CA ASP A 108 -41.06 12.31 12.89
C ASP A 108 -40.80 13.74 12.44
N TYR A 109 -40.02 14.52 13.19
CA TYR A 109 -39.60 15.84 12.72
C TYR A 109 -38.19 16.11 13.21
N TRP A 110 -37.31 16.54 12.31
CA TRP A 110 -35.87 16.63 12.55
C TRP A 110 -35.40 18.08 12.55
N GLY A 111 -34.38 18.36 13.36
CA GLY A 111 -33.67 19.61 13.30
C GLY A 111 -32.69 19.65 12.14
N GLN A 112 -31.94 20.75 12.07
CA GLN A 112 -30.98 20.93 10.99
C GLN A 112 -29.64 20.27 11.26
N GLY A 113 -29.34 19.97 12.51
CA GLY A 113 -28.11 19.29 12.86
C GLY A 113 -26.97 20.24 13.19
N THR A 114 -25.98 19.71 13.90
CA THR A 114 -24.76 20.44 14.21
C THR A 114 -23.56 19.54 13.98
N LEU A 115 -22.52 20.09 13.37
CA LEU A 115 -21.35 19.28 13.00
C LEU A 115 -20.43 19.11 14.18
N VAL A 116 -20.02 17.86 14.44
CA VAL A 116 -19.04 17.54 15.46
C VAL A 116 -17.82 16.95 14.76
N THR A 117 -16.66 17.57 14.96
CA THR A 117 -15.41 17.13 14.34
C THR A 117 -14.48 16.63 15.44
N VAL A 118 -14.14 15.35 15.38
CA VAL A 118 -13.21 14.74 16.33
C VAL A 118 -11.86 14.64 15.66
N SER A 119 -10.92 15.49 16.07
CA SER A 119 -9.61 15.54 15.44
C SER A 119 -8.63 16.25 16.37
N SER A 120 -7.35 15.96 16.19
CA SER A 120 -6.27 16.65 16.88
C SER A 120 -5.74 17.84 16.11
N ALA A 121 -6.33 18.15 14.95
CA ALA A 121 -5.80 19.21 14.11
C ALA A 121 -6.07 20.58 14.73
N SER A 122 -5.23 21.55 14.37
CA SER A 122 -5.36 22.91 14.85
C SER A 122 -6.17 23.73 13.86
N THR A 123 -6.96 24.66 14.39
CA THR A 123 -7.72 25.58 13.56
C THR A 123 -6.78 26.37 12.65
N LYS A 124 -7.12 26.44 11.37
CA LYS A 124 -6.26 27.05 10.37
C LYS A 124 -7.10 27.50 9.19
N GLY A 125 -6.84 28.72 8.71
CA GLY A 125 -7.47 29.21 7.52
C GLY A 125 -6.82 28.65 6.28
N PRO A 126 -7.53 28.65 5.16
CA PRO A 126 -6.98 28.06 3.94
C PRO A 126 -6.10 29.04 3.18
N SER A 127 -5.19 28.47 2.39
CA SER A 127 -4.58 29.19 1.29
C SER A 127 -5.45 29.00 0.06
N VAL A 128 -5.61 30.07 -0.71
CA VAL A 128 -6.47 30.06 -1.90
C VAL A 128 -5.59 30.25 -3.12
N PHE A 129 -5.56 29.23 -3.99
CA PHE A 129 -4.74 29.27 -5.19
C PHE A 129 -5.60 29.27 -6.44
N PRO A 130 -5.19 29.97 -7.49
CA PRO A 130 -6.00 30.05 -8.71
C PRO A 130 -5.86 28.80 -9.56
N LEU A 131 -6.97 28.43 -10.19
CA LEU A 131 -7.01 27.41 -11.23
C LEU A 131 -7.24 28.18 -12.54
N ALA A 132 -6.15 28.65 -13.12
CA ALA A 132 -6.24 29.64 -14.18
C ALA A 132 -6.80 29.01 -15.46
N PRO A 133 -7.63 29.74 -16.21
CA PRO A 133 -8.09 29.23 -17.50
C PRO A 133 -6.95 29.24 -18.52
N SER A 134 -6.99 28.26 -19.42
CA SER A 134 -5.96 28.10 -20.43
C SER A 134 -6.53 27.25 -21.57
N SER A 135 -5.67 26.95 -22.55
CA SER A 135 -6.09 26.08 -23.64
C SER A 135 -6.41 24.68 -23.15
N LYS A 136 -5.87 24.28 -22.00
CA LYS A 136 -6.17 22.97 -21.42
C LYS A 136 -7.48 22.95 -20.65
N SER A 137 -8.15 24.09 -20.51
CA SER A 137 -9.46 24.16 -19.85
C SER A 137 -10.53 24.74 -20.75
N THR A 138 -10.30 24.73 -22.06
CA THR A 138 -11.18 25.37 -23.03
C THR A 138 -11.93 24.32 -23.83
N SER A 139 -13.20 24.60 -24.11
CA SER A 139 -14.04 23.76 -24.95
C SER A 139 -15.05 24.65 -25.65
N GLY A 140 -15.10 24.57 -26.97
CA GLY A 140 -15.97 25.45 -27.72
C GLY A 140 -15.56 26.90 -27.52
N GLY A 141 -16.53 27.73 -27.14
CA GLY A 141 -16.26 29.11 -26.85
C GLY A 141 -16.27 29.43 -25.37
N THR A 142 -16.00 28.42 -24.54
CA THR A 142 -16.01 28.57 -23.09
C THR A 142 -14.72 28.06 -22.50
N ALA A 143 -14.35 28.62 -21.34
CA ALA A 143 -13.17 28.21 -20.60
C ALA A 143 -13.54 27.96 -19.15
N ALA A 144 -12.96 26.92 -18.57
CA ALA A 144 -13.16 26.61 -17.15
C ALA A 144 -12.04 27.21 -16.32
N LEU A 145 -12.39 27.71 -15.14
CA LEU A 145 -11.44 28.26 -14.19
C LEU A 145 -11.98 28.02 -12.79
N GLY A 146 -11.16 28.29 -11.79
CA GLY A 146 -11.62 28.08 -10.43
C GLY A 146 -10.59 28.46 -9.39
N CYS A 147 -10.88 28.04 -8.17
CA CYS A 147 -10.02 28.29 -7.01
C CYS A 147 -9.78 27.02 -6.24
N LEU A 148 -8.54 26.82 -5.81
CA LEU A 148 -8.16 25.73 -4.94
C LEU A 148 -8.06 26.26 -3.52
N VAL A 149 -8.92 25.75 -2.64
CA VAL A 149 -9.01 26.19 -1.24
C VAL A 149 -8.38 25.08 -0.41
N LYS A 150 -7.11 25.26 -0.02
CA LYS A 150 -6.29 24.15 0.43
C LYS A 150 -5.82 24.35 1.87
N ASP A 151 -5.83 23.25 2.63
CA ASP A 151 -5.25 23.16 3.96
C ASP A 151 -5.96 24.06 4.98
N TYR A 152 -7.24 23.77 5.24
CA TYR A 152 -7.98 24.47 6.27
C TYR A 152 -8.59 23.45 7.24
N PHE A 153 -8.97 23.94 8.41
CA PHE A 153 -9.58 23.12 9.46
C PHE A 153 -10.24 24.04 10.47
N PRO A 154 -11.46 23.74 10.93
CA PRO A 154 -12.28 22.62 10.46
C PRO A 154 -13.21 23.04 9.33
N GLU A 155 -14.11 22.14 8.94
CA GLU A 155 -15.23 22.54 8.11
C GLU A 155 -16.12 23.51 8.88
N PRO A 156 -16.89 24.35 8.17
CA PRO A 156 -17.00 24.47 6.72
C PRO A 156 -16.32 25.71 6.16
N VAL A 157 -16.23 25.78 4.85
CA VAL A 157 -15.92 27.01 4.13
C VAL A 157 -17.08 27.27 3.17
N THR A 158 -17.25 28.54 2.81
CA THR A 158 -18.19 28.93 1.78
C THR A 158 -17.44 29.63 0.66
N VAL A 159 -17.85 29.36 -0.58
CA VAL A 159 -17.27 29.99 -1.75
C VAL A 159 -18.37 30.61 -2.58
N SER A 160 -18.19 31.86 -2.98
CA SER A 160 -19.00 32.52 -3.98
C SER A 160 -18.09 33.06 -5.06
N TRP A 161 -18.68 33.53 -6.16
CA TRP A 161 -17.92 34.11 -7.27
C TRP A 161 -18.45 35.49 -7.58
N ASN A 162 -17.52 36.44 -7.73
CA ASN A 162 -17.84 37.84 -8.04
C ASN A 162 -18.86 38.41 -7.06
N SER A 163 -18.60 38.18 -5.78
CA SER A 163 -19.46 38.69 -4.69
C SER A 163 -20.91 38.28 -4.88
N GLY A 164 -21.11 37.06 -5.40
CA GLY A 164 -22.44 36.52 -5.60
C GLY A 164 -23.05 36.81 -6.96
N ALA A 165 -22.39 37.61 -7.80
CA ALA A 165 -22.96 37.96 -9.11
C ALA A 165 -22.82 36.84 -10.13
N LEU A 166 -21.96 35.85 -9.88
CA LEU A 166 -21.75 34.73 -10.79
C LEU A 166 -22.11 33.44 -10.05
N THR A 167 -23.18 32.78 -10.49
CA THR A 167 -23.70 31.62 -9.77
C THR A 167 -24.06 30.44 -10.66
N SER A 168 -24.30 30.62 -11.95
CA SER A 168 -24.69 29.53 -12.82
C SER A 168 -23.46 28.81 -13.38
N GLY A 169 -23.50 27.49 -13.35
CA GLY A 169 -22.35 26.69 -13.76
C GLY A 169 -21.23 26.66 -12.75
N VAL A 170 -21.47 27.08 -11.52
CA VAL A 170 -20.48 27.02 -10.46
C VAL A 170 -20.55 25.64 -9.82
N HIS A 171 -19.44 24.91 -9.85
CA HIS A 171 -19.32 23.61 -9.20
C HIS A 171 -18.34 23.76 -8.04
N THR A 172 -18.86 23.85 -6.84
CA THR A 172 -18.04 23.86 -5.62
C THR A 172 -18.07 22.45 -5.04
N PHE A 173 -16.96 21.73 -5.21
CA PHE A 173 -16.93 20.32 -4.85
C PHE A 173 -16.89 20.14 -3.33
N PRO A 174 -17.47 19.06 -2.82
CA PRO A 174 -17.29 18.73 -1.40
C PRO A 174 -15.81 18.62 -1.06
N ALA A 175 -15.46 19.07 0.14
CA ALA A 175 -14.08 18.99 0.59
C ALA A 175 -13.65 17.55 0.82
N VAL A 176 -12.35 17.31 0.71
CA VAL A 176 -11.75 16.03 1.07
C VAL A 176 -10.87 16.25 2.29
N LEU A 177 -10.78 15.21 3.12
CA LEU A 177 -9.92 15.24 4.29
C LEU A 177 -8.57 14.66 3.91
N GLN A 178 -7.52 15.48 4.02
CA GLN A 178 -6.19 15.06 3.64
C GLN A 178 -5.53 14.27 4.77
N SER A 179 -4.43 13.59 4.44
CA SER A 179 -3.70 12.81 5.44
C SER A 179 -3.11 13.68 6.53
N SER A 180 -2.95 14.99 6.27
CA SER A 180 -2.48 15.90 7.30
C SER A 180 -3.56 16.24 8.32
N GLY A 181 -4.81 15.83 8.09
CA GLY A 181 -5.92 16.24 8.91
C GLY A 181 -6.56 17.56 8.51
N LEU A 182 -6.03 18.23 7.49
CA LEU A 182 -6.58 19.46 6.97
C LEU A 182 -7.45 19.19 5.76
N TYR A 183 -8.45 20.03 5.56
CA TYR A 183 -9.37 19.87 4.45
C TYR A 183 -8.88 20.64 3.22
N SER A 184 -9.42 20.26 2.06
CA SER A 184 -9.14 20.96 0.81
C SER A 184 -10.33 20.75 -0.11
N LEU A 185 -10.65 21.79 -0.89
CA LEU A 185 -11.69 21.67 -1.89
C LEU A 185 -11.37 22.61 -3.06
N SER A 186 -12.11 22.43 -4.14
CA SER A 186 -12.02 23.29 -5.31
C SER A 186 -13.41 23.75 -5.72
N SER A 187 -13.48 24.98 -6.21
CA SER A 187 -14.68 25.54 -6.82
C SER A 187 -14.33 25.97 -8.23
N VAL A 188 -15.11 25.53 -9.21
CA VAL A 188 -14.83 25.83 -10.61
C VAL A 188 -16.07 26.40 -11.26
N VAL A 189 -15.86 27.15 -12.34
CA VAL A 189 -16.96 27.79 -13.06
C VAL A 189 -16.59 27.89 -14.53
N THR A 190 -17.57 27.74 -15.40
CA THR A 190 -17.39 27.82 -16.84
C THR A 190 -17.78 29.21 -17.32
N VAL A 191 -16.99 29.75 -18.25
CA VAL A 191 -17.02 31.17 -18.57
C VAL A 191 -16.76 31.36 -20.06
N PRO A 192 -17.38 32.35 -20.72
CA PRO A 192 -17.06 32.60 -22.13
C PRO A 192 -15.62 33.03 -22.29
N SER A 193 -14.92 32.40 -23.23
CA SER A 193 -13.52 32.73 -23.48
C SER A 193 -13.35 34.18 -23.89
N SER A 194 -14.36 34.76 -24.55
CA SER A 194 -14.25 36.14 -25.03
C SER A 194 -14.30 37.17 -23.91
N SER A 195 -14.75 36.77 -22.71
CA SER A 195 -14.82 37.68 -21.57
C SER A 195 -13.55 37.66 -20.73
N LEU A 196 -12.58 36.80 -21.06
CA LEU A 196 -11.42 36.64 -20.20
C LEU A 196 -10.51 37.86 -20.18
N GLY A 197 -10.62 38.73 -21.17
CA GLY A 197 -9.73 39.88 -21.24
C GLY A 197 -10.24 41.11 -20.51
N THR A 198 -11.54 41.15 -20.20
CA THR A 198 -12.13 42.36 -19.64
C THR A 198 -12.88 42.10 -18.34
N GLN A 199 -13.50 40.93 -18.19
CA GLN A 199 -14.28 40.61 -17.01
C GLN A 199 -13.39 39.97 -15.96
N THR A 200 -13.36 40.55 -14.76
CA THR A 200 -12.61 39.98 -13.66
C THR A 200 -13.38 38.82 -13.04
N TYR A 201 -12.66 37.77 -12.67
CA TYR A 201 -13.25 36.61 -12.02
C TYR A 201 -12.56 36.41 -10.67
N ILE A 202 -13.34 36.52 -9.60
CA ILE A 202 -12.82 36.49 -8.24
C ILE A 202 -13.67 35.52 -7.44
N CYS A 203 -13.01 34.60 -6.73
CA CYS A 203 -13.70 33.68 -5.83
C CYS A 203 -13.61 34.21 -4.42
N ASN A 204 -14.76 34.27 -3.75
CA ASN A 204 -14.85 34.81 -2.39
C ASN A 204 -14.92 33.64 -1.42
N VAL A 205 -13.87 33.46 -0.62
CA VAL A 205 -13.75 32.34 0.30
C VAL A 205 -13.91 32.87 1.72
N ASN A 206 -14.78 32.24 2.50
CA ASN A 206 -14.99 32.59 3.90
C ASN A 206 -14.83 31.32 4.74
N HIS A 207 -13.90 31.36 5.70
CA HIS A 207 -13.69 30.28 6.65
C HIS A 207 -13.90 30.88 8.04
N LYS A 208 -15.16 30.93 8.46
CA LYS A 208 -15.50 31.53 9.74
C LYS A 208 -14.72 30.97 10.94
N PRO A 209 -14.50 29.65 11.07
CA PRO A 209 -13.81 29.16 12.28
C PRO A 209 -12.44 29.76 12.51
N SER A 210 -11.73 30.19 11.46
CA SER A 210 -10.41 30.77 11.60
C SER A 210 -10.40 32.27 11.34
N ASN A 211 -11.57 32.89 11.17
CA ASN A 211 -11.68 34.32 10.88
C ASN A 211 -10.89 34.69 9.61
N THR A 212 -11.05 33.88 8.58
CA THR A 212 -10.30 34.05 7.33
C THR A 212 -11.27 34.33 6.18
N LYS A 213 -11.16 35.52 5.60
CA LYS A 213 -11.84 35.87 4.36
C LYS A 213 -10.81 36.22 3.31
N VAL A 214 -10.94 35.63 2.12
CA VAL A 214 -10.01 35.86 1.02
C VAL A 214 -10.81 36.02 -0.26
N ASP A 215 -10.49 37.06 -1.03
CA ASP A 215 -10.93 37.21 -2.41
C ASP A 215 -9.72 36.95 -3.31
N LYS A 216 -9.83 35.97 -4.21
CA LYS A 216 -8.73 35.58 -5.08
C LYS A 216 -9.14 35.82 -6.53
N LYS A 217 -8.37 36.65 -7.23
CA LYS A 217 -8.58 36.85 -8.66
C LYS A 217 -7.94 35.71 -9.44
N VAL A 218 -8.64 35.26 -10.49
CA VAL A 218 -8.21 34.13 -11.32
C VAL A 218 -8.22 34.60 -12.77
N GLU A 219 -7.08 34.49 -13.45
CA GLU A 219 -6.97 35.02 -14.79
C GLU A 219 -6.00 34.17 -15.59
N PRO A 220 -6.06 34.24 -16.93
CA PRO A 220 -5.10 33.48 -17.75
C PRO A 220 -3.66 33.85 -17.43
N LYS A 221 -2.79 32.84 -17.53
CA LYS A 221 -1.39 33.04 -17.21
C LYS A 221 -0.64 33.62 -18.39
N SER A 222 0.48 34.29 -18.09
CA SER A 222 1.37 34.82 -19.12
C SER A 222 1.88 33.73 -20.05
N GLU B 1 -28.27 -6.51 16.60
CA GLU B 1 -29.14 -5.53 15.97
C GLU B 1 -29.82 -6.10 14.73
N ILE B 2 -30.99 -5.57 14.40
CA ILE B 2 -31.70 -5.94 13.18
C ILE B 2 -31.07 -5.17 12.03
N VAL B 3 -30.49 -5.90 11.07
CA VAL B 3 -29.77 -5.28 9.96
C VAL B 3 -30.75 -4.99 8.83
N MET B 4 -30.81 -3.73 8.42
CA MET B 4 -31.66 -3.29 7.32
C MET B 4 -30.79 -3.05 6.09
N THR B 5 -31.15 -3.69 4.98
CA THR B 5 -30.39 -3.59 3.73
C THR B 5 -31.31 -3.13 2.61
N GLN B 6 -30.93 -2.06 1.94
CA GLN B 6 -31.71 -1.48 0.86
C GLN B 6 -31.08 -1.78 -0.49
N SER B 7 -31.92 -1.94 -1.51
CA SER B 7 -31.47 -2.21 -2.87
C SER B 7 -32.41 -1.52 -3.85
N PRO B 8 -31.87 -0.97 -4.95
CA PRO B 8 -30.43 -0.93 -5.20
C PRO B 8 -29.79 0.26 -4.51
N ALA B 9 -28.46 0.39 -4.56
CA ALA B 9 -27.82 1.55 -3.97
C ALA B 9 -28.19 2.83 -4.73
N THR B 10 -28.33 2.73 -6.05
CA THR B 10 -28.74 3.85 -6.88
C THR B 10 -29.82 3.37 -7.85
N LEU B 11 -30.90 4.14 -7.93
CA LEU B 11 -32.00 3.86 -8.85
C LEU B 11 -32.08 4.99 -9.86
N SER B 12 -31.98 4.64 -11.15
CA SER B 12 -32.03 5.62 -12.23
C SER B 12 -33.42 5.57 -12.87
N VAL B 13 -34.17 6.67 -12.73
CA VAL B 13 -35.56 6.74 -13.19
C VAL B 13 -35.73 8.01 -14.01
N SER B 14 -36.53 7.91 -15.08
CA SER B 14 -36.87 9.06 -15.90
C SER B 14 -37.96 9.90 -15.22
N PRO B 15 -37.95 11.21 -15.41
CA PRO B 15 -39.00 12.05 -14.81
C PRO B 15 -40.38 11.62 -15.29
N GLY B 16 -41.31 11.51 -14.33
CA GLY B 16 -42.64 11.05 -14.61
C GLY B 16 -42.82 9.55 -14.55
N GLU B 17 -41.74 8.80 -14.40
CA GLU B 17 -41.82 7.35 -14.29
C GLU B 17 -41.97 6.92 -12.84
N ARG B 18 -42.21 5.64 -12.65
CA ARG B 18 -42.34 5.06 -11.32
C ARG B 18 -40.99 4.59 -10.79
N ALA B 19 -40.72 4.91 -9.54
CA ALA B 19 -39.56 4.39 -8.82
C ALA B 19 -40.02 3.38 -7.79
N THR B 20 -39.38 2.21 -7.76
CA THR B 20 -39.71 1.14 -6.83
C THR B 20 -38.45 0.80 -6.03
N LEU B 21 -38.49 1.07 -4.72
CA LEU B 21 -37.36 0.88 -3.84
C LEU B 21 -37.59 -0.30 -2.91
N SER B 22 -36.51 -1.00 -2.57
CA SER B 22 -36.59 -2.21 -1.77
C SER B 22 -35.82 -2.07 -0.47
N CYS B 23 -36.38 -2.63 0.60
CA CYS B 23 -35.78 -2.66 1.93
C CYS B 23 -35.99 -4.05 2.49
N ARG B 24 -34.94 -4.62 3.09
CA ARG B 24 -34.99 -5.96 3.65
C ARG B 24 -34.48 -5.95 5.07
N ALA B 25 -35.23 -6.58 5.97
CA ALA B 25 -34.80 -6.77 7.36
C ALA B 25 -34.20 -8.15 7.54
N SER B 26 -33.16 -8.24 8.37
CA SER B 26 -32.51 -9.52 8.61
C SER B 26 -33.39 -10.48 9.39
N GLN B 27 -34.42 -9.98 10.06
CA GLN B 27 -35.43 -10.80 10.71
C GLN B 27 -36.73 -10.02 10.71
N SER B 28 -37.83 -10.71 11.01
CA SER B 28 -39.16 -10.09 10.91
C SER B 28 -39.24 -8.85 11.80
N VAL B 29 -39.73 -7.76 11.21
CA VAL B 29 -40.05 -6.54 11.95
C VAL B 29 -41.54 -6.23 11.85
N SER B 30 -42.35 -7.22 11.46
CA SER B 30 -43.80 -7.09 11.31
C SER B 30 -44.09 -5.92 10.38
N SER B 31 -44.92 -4.95 10.76
CA SER B 31 -45.13 -3.74 9.98
C SER B 31 -44.51 -2.52 10.65
N ASN B 32 -43.57 -2.73 11.57
CA ASN B 32 -42.94 -1.63 12.30
C ASN B 32 -41.74 -1.12 11.50
N LEU B 33 -42.06 -0.45 10.39
CA LEU B 33 -41.06 0.04 9.47
C LEU B 33 -41.47 1.41 8.94
N ALA B 34 -40.49 2.33 8.89
CA ALA B 34 -40.72 3.68 8.42
C ALA B 34 -39.78 3.99 7.25
N TRP B 35 -40.19 4.95 6.41
CA TRP B 35 -39.41 5.41 5.27
C TRP B 35 -39.15 6.91 5.40
N TYR B 36 -37.96 7.34 4.99
CA TYR B 36 -37.56 8.73 5.07
C TYR B 36 -36.99 9.20 3.73
N GLN B 37 -37.13 10.50 3.48
CA GLN B 37 -36.56 11.15 2.31
C GLN B 37 -35.58 12.21 2.77
N GLN B 38 -34.44 12.33 2.08
CA GLN B 38 -33.46 13.36 2.41
C GLN B 38 -32.84 13.90 1.13
N LYS B 39 -32.96 15.19 0.92
CA LYS B 39 -32.23 15.94 -0.10
C LYS B 39 -30.89 16.38 0.45
N PRO B 40 -29.86 16.49 -0.39
CA PRO B 40 -28.56 16.97 0.10
C PRO B 40 -28.69 18.37 0.67
N GLY B 41 -28.00 18.60 1.79
CA GLY B 41 -28.09 19.87 2.49
C GLY B 41 -29.36 20.07 3.28
N GLN B 42 -30.21 19.06 3.40
CA GLN B 42 -31.49 19.18 4.10
C GLN B 42 -31.64 18.08 5.12
N ALA B 43 -32.54 18.32 6.09
CA ALA B 43 -32.83 17.35 7.12
C ALA B 43 -33.76 16.25 6.58
N PRO B 44 -33.66 15.04 7.12
CA PRO B 44 -34.56 13.96 6.69
C PRO B 44 -36.02 14.28 6.98
N ARG B 45 -36.87 13.48 6.36
CA ARG B 45 -38.27 13.82 6.18
C ARG B 45 -39.08 12.53 6.28
N LEU B 46 -40.01 12.44 7.25
CA LEU B 46 -40.77 11.21 7.42
C LEU B 46 -41.82 11.08 6.31
N LEU B 47 -41.83 9.93 5.64
CA LEU B 47 -42.79 9.64 4.57
C LEU B 47 -43.84 8.63 4.97
N ILE B 48 -43.40 7.46 5.43
CA ILE B 48 -44.25 6.32 5.70
C ILE B 48 -43.92 5.80 7.09
N TYR B 49 -44.93 5.36 7.82
CA TYR B 49 -44.73 4.57 9.03
C TYR B 49 -45.78 3.46 9.04
N GLY B 50 -45.55 2.48 9.90
CA GLY B 50 -46.40 1.29 9.86
C GLY B 50 -46.36 0.57 8.54
N ALA B 51 -45.27 0.74 7.78
CA ALA B 51 -45.02 0.10 6.50
C ALA B 51 -45.91 0.65 5.38
N ALA B 52 -47.06 1.23 5.70
CA ALA B 52 -47.98 1.66 4.65
C ALA B 52 -48.77 2.93 4.97
N THR B 53 -48.59 3.56 6.12
CA THR B 53 -49.36 4.74 6.49
C THR B 53 -48.53 5.98 6.19
N ARG B 54 -49.07 6.87 5.36
CA ARG B 54 -48.39 8.10 5.01
C ARG B 54 -48.47 9.12 6.14
N ALA B 55 -47.35 9.79 6.38
CA ALA B 55 -47.35 10.91 7.30
C ALA B 55 -48.19 12.06 6.73
N THR B 56 -48.51 13.02 7.59
CA THR B 56 -49.30 14.16 7.15
C THR B 56 -48.52 15.01 6.16
N GLY B 57 -49.16 15.40 5.08
CA GLY B 57 -48.52 16.18 4.03
C GLY B 57 -47.85 15.36 2.95
N ILE B 58 -47.95 14.03 3.02
CA ILE B 58 -47.34 13.15 2.02
C ILE B 58 -48.35 12.86 0.93
N PRO B 59 -48.03 13.11 -0.33
CA PRO B 59 -49.01 12.93 -1.41
C PRO B 59 -49.32 11.48 -1.68
N ALA B 60 -50.42 11.26 -2.41
CA ALA B 60 -50.88 9.90 -2.69
C ALA B 60 -49.95 9.14 -3.62
N ARG B 61 -49.08 9.83 -4.38
CA ARG B 61 -48.18 9.13 -5.28
C ARG B 61 -47.13 8.32 -4.52
N VAL B 62 -46.93 8.60 -3.24
CA VAL B 62 -46.01 7.82 -2.41
C VAL B 62 -46.80 6.74 -1.71
N SER B 63 -46.39 5.48 -1.90
CA SER B 63 -47.05 4.35 -1.27
C SER B 63 -46.03 3.38 -0.74
N GLY B 64 -46.34 2.78 0.41
CA GLY B 64 -45.48 1.78 1.01
C GLY B 64 -46.23 0.48 1.25
N SER B 65 -45.51 -0.63 1.16
CA SER B 65 -46.13 -1.94 1.32
C SER B 65 -45.09 -2.91 1.87
N GLY B 66 -45.58 -4.06 2.32
CA GLY B 66 -44.74 -5.11 2.85
C GLY B 66 -44.99 -5.33 4.34
N SER B 67 -44.49 -6.46 4.81
CA SER B 67 -44.54 -6.86 6.20
C SER B 67 -43.57 -8.00 6.41
N GLY B 68 -43.09 -8.15 7.64
CA GLY B 68 -42.13 -9.19 7.94
C GLY B 68 -40.69 -8.75 7.65
N THR B 69 -40.14 -9.22 6.54
CA THR B 69 -38.75 -8.94 6.20
C THR B 69 -38.57 -8.21 4.88
N GLU B 70 -39.65 -7.98 4.12
CA GLU B 70 -39.55 -7.38 2.79
C GLU B 70 -40.54 -6.24 2.63
N PHE B 71 -40.03 -5.08 2.27
CA PHE B 71 -40.85 -3.87 2.15
C PHE B 71 -40.51 -3.16 0.85
N THR B 72 -41.46 -2.33 0.41
CA THR B 72 -41.35 -1.61 -0.85
C THR B 72 -41.88 -0.20 -0.66
N LEU B 73 -41.12 0.77 -1.14
CA LEU B 73 -41.58 2.15 -1.29
C LEU B 73 -41.75 2.43 -2.78
N THR B 74 -42.90 2.97 -3.15
CA THR B 74 -43.21 3.24 -4.54
C THR B 74 -43.69 4.67 -4.70
N ILE B 75 -43.08 5.40 -5.63
CA ILE B 75 -43.55 6.72 -6.04
C ILE B 75 -43.97 6.60 -7.49
N SER B 76 -45.28 6.66 -7.74
CA SER B 76 -45.82 6.23 -9.04
C SER B 76 -45.37 7.13 -10.19
N SER B 77 -45.14 8.42 -9.92
CA SER B 77 -44.73 9.33 -10.98
C SER B 77 -43.80 10.38 -10.36
N LEU B 78 -42.51 10.28 -10.67
CA LEU B 78 -41.52 11.13 -10.02
C LEU B 78 -41.60 12.56 -10.52
N GLN B 79 -41.68 13.50 -9.60
CA GLN B 79 -41.53 14.92 -9.88
C GLN B 79 -40.11 15.35 -9.49
N SER B 80 -39.80 16.62 -9.75
CA SER B 80 -38.45 17.12 -9.50
C SER B 80 -38.03 16.93 -8.05
N GLU B 81 -38.96 17.16 -7.11
CA GLU B 81 -38.63 17.02 -5.69
C GLU B 81 -38.45 15.57 -5.26
N ASP B 82 -38.86 14.60 -6.07
CA ASP B 82 -38.80 13.20 -5.67
C ASP B 82 -37.41 12.59 -5.80
N PHE B 83 -36.52 13.21 -6.57
CA PHE B 83 -35.16 12.69 -6.73
C PHE B 83 -34.35 13.05 -5.49
N ALA B 84 -34.03 12.05 -4.68
CA ALA B 84 -33.40 12.24 -3.39
C ALA B 84 -32.90 10.88 -2.90
N VAL B 85 -32.44 10.84 -1.66
CA VAL B 85 -32.04 9.60 -1.00
C VAL B 85 -33.16 9.17 -0.06
N TYR B 86 -33.44 7.87 -0.03
CA TYR B 86 -34.51 7.32 0.79
C TYR B 86 -33.95 6.26 1.71
N TYR B 87 -34.35 6.33 2.98
CA TYR B 87 -33.91 5.39 4.00
C TYR B 87 -35.12 4.70 4.61
N CYS B 88 -34.99 3.40 4.88
CA CYS B 88 -35.95 2.70 5.71
C CYS B 88 -35.37 2.54 7.12
N GLN B 89 -36.28 2.30 8.07
CA GLN B 89 -35.89 2.20 9.47
C GLN B 89 -36.88 1.31 10.19
N GLN B 90 -36.38 0.32 10.93
CA GLN B 90 -37.23 -0.56 11.71
C GLN B 90 -37.33 -0.04 13.13
N TYR B 91 -38.53 -0.18 13.71
CA TYR B 91 -38.74 0.08 15.13
C TYR B 91 -39.42 -1.11 15.80
N ASN B 92 -39.16 -2.31 15.28
CA ASN B 92 -39.67 -3.51 15.94
C ASN B 92 -39.03 -3.69 17.30
N ASN B 93 -37.74 -3.37 17.42
CA ASN B 93 -37.07 -3.46 18.71
C ASN B 93 -35.84 -2.57 18.70
N TRP B 94 -35.48 -2.10 19.89
CA TRP B 94 -34.25 -1.35 20.06
C TRP B 94 -33.05 -2.29 19.99
N PRO B 95 -31.89 -1.81 19.50
CA PRO B 95 -31.68 -0.46 18.96
C PRO B 95 -32.33 -0.27 17.60
N LEU B 96 -32.86 0.93 17.37
CA LEU B 96 -33.42 1.25 16.07
C LEU B 96 -32.30 1.31 15.04
N THR B 97 -32.61 0.88 13.81
CA THR B 97 -31.59 0.82 12.77
C THR B 97 -32.15 1.34 11.44
N PHE B 98 -31.30 2.05 10.72
CA PHE B 98 -31.61 2.55 9.38
C PHE B 98 -30.98 1.65 8.32
N GLY B 99 -31.65 1.54 7.18
CA GLY B 99 -31.02 0.96 6.02
C GLY B 99 -29.91 1.86 5.49
N GLY B 100 -29.13 1.31 4.55
CA GLY B 100 -28.00 2.05 4.01
C GLY B 100 -28.37 3.19 3.08
N GLY B 101 -29.60 3.23 2.62
CA GLY B 101 -30.04 4.31 1.75
C GLY B 101 -30.07 3.91 0.29
N THR B 102 -31.04 4.45 -0.43
CA THR B 102 -31.14 4.28 -1.89
C THR B 102 -31.29 5.65 -2.54
N LYS B 103 -30.34 5.99 -3.39
CA LYS B 103 -30.35 7.26 -4.10
C LYS B 103 -31.17 7.12 -5.38
N VAL B 104 -32.14 8.00 -5.57
CA VAL B 104 -32.96 8.02 -6.77
C VAL B 104 -32.48 9.19 -7.63
N GLU B 105 -31.82 8.89 -8.74
CA GLU B 105 -31.25 9.90 -9.61
C GLU B 105 -32.04 10.01 -10.90
N ILE B 106 -31.83 11.11 -11.61
CA ILE B 106 -32.50 11.37 -12.88
C ILE B 106 -31.78 10.60 -13.98
N LYS B 107 -32.52 9.76 -14.70
CA LYS B 107 -31.94 9.05 -15.83
C LYS B 107 -31.92 9.93 -17.07
N ARG B 108 -30.80 9.86 -17.79
CA ARG B 108 -30.63 10.58 -19.03
C ARG B 108 -29.79 9.72 -19.97
N THR B 109 -29.64 10.16 -21.21
CA THR B 109 -28.75 9.47 -22.12
C THR B 109 -27.31 9.60 -21.63
N VAL B 110 -26.43 8.73 -22.16
CA VAL B 110 -25.03 8.78 -21.78
C VAL B 110 -24.40 10.07 -22.31
N ALA B 111 -23.62 10.73 -21.47
CA ALA B 111 -22.91 11.95 -21.84
C ALA B 111 -21.46 11.83 -21.39
N ALA B 112 -20.53 11.94 -22.35
CA ALA B 112 -19.12 11.85 -22.01
C ALA B 112 -18.66 13.15 -21.34
N PRO B 113 -17.66 13.07 -20.47
CA PRO B 113 -17.17 14.28 -19.80
C PRO B 113 -16.28 15.11 -20.70
N SER B 114 -16.25 16.42 -20.40
CA SER B 114 -15.22 17.31 -20.90
C SER B 114 -14.06 17.28 -19.91
N VAL B 115 -12.86 16.96 -20.40
CA VAL B 115 -11.70 16.75 -19.54
C VAL B 115 -10.78 17.96 -19.64
N PHE B 116 -10.50 18.58 -18.49
CA PHE B 116 -9.60 19.72 -18.43
C PHE B 116 -8.54 19.45 -17.37
N ILE B 117 -7.38 20.10 -17.50
CA ILE B 117 -6.28 19.90 -16.57
C ILE B 117 -5.71 21.26 -16.19
N PHE B 118 -5.26 21.36 -14.94
CA PHE B 118 -4.74 22.61 -14.39
C PHE B 118 -3.39 22.34 -13.75
N PRO B 119 -2.30 22.93 -14.24
CA PRO B 119 -1.02 22.84 -13.54
C PRO B 119 -1.07 23.60 -12.23
N PRO B 120 -0.12 23.37 -11.32
CA PRO B 120 -0.06 24.18 -10.10
C PRO B 120 0.30 25.63 -10.40
N SER B 121 -0.22 26.53 -9.58
CA SER B 121 0.12 27.93 -9.71
C SER B 121 1.51 28.20 -9.17
N ASP B 122 2.15 29.25 -9.71
CA ASP B 122 3.47 29.64 -9.20
C ASP B 122 3.40 30.03 -7.73
N GLU B 123 2.26 30.56 -7.28
CA GLU B 123 2.13 30.93 -5.88
C GLU B 123 2.20 29.69 -4.98
N GLN B 124 1.52 28.61 -5.37
CA GLN B 124 1.59 27.40 -4.56
C GLN B 124 3.00 26.80 -4.59
N LEU B 125 3.64 26.80 -5.77
CA LEU B 125 4.99 26.26 -5.87
C LEU B 125 5.94 26.92 -4.90
N LYS B 126 5.83 28.25 -4.74
CA LYS B 126 6.70 28.96 -3.81
C LYS B 126 6.46 28.55 -2.37
N SER B 127 5.31 27.93 -2.07
CA SER B 127 5.04 27.44 -0.72
C SER B 127 5.57 26.03 -0.49
N GLY B 128 6.07 25.36 -1.53
CA GLY B 128 6.72 24.07 -1.37
C GLY B 128 5.91 22.87 -1.79
N THR B 129 4.70 23.07 -2.32
CA THR B 129 3.86 21.96 -2.76
C THR B 129 3.31 22.27 -4.15
N ALA B 130 2.77 21.24 -4.78
CA ALA B 130 2.24 21.35 -6.14
C ALA B 130 0.99 20.50 -6.25
N SER B 131 -0.14 21.16 -6.48
CA SER B 131 -1.40 20.47 -6.74
C SER B 131 -1.73 20.52 -8.21
N VAL B 132 -1.99 19.36 -8.81
CA VAL B 132 -2.41 19.25 -10.20
C VAL B 132 -3.87 18.78 -10.18
N VAL B 133 -4.72 19.46 -10.94
CA VAL B 133 -6.15 19.22 -10.91
C VAL B 133 -6.62 18.77 -12.29
N CYS B 134 -7.30 17.63 -12.33
CA CYS B 134 -7.99 17.13 -13.51
C CYS B 134 -9.49 17.28 -13.27
N LEU B 135 -10.18 17.96 -14.19
CA LEU B 135 -11.60 18.24 -14.04
C LEU B 135 -12.40 17.52 -15.11
N LEU B 136 -13.42 16.77 -14.67
CA LEU B 136 -14.36 16.10 -15.56
C LEU B 136 -15.71 16.80 -15.41
N ASN B 137 -16.21 17.37 -16.50
CA ASN B 137 -17.35 18.28 -16.44
C ASN B 137 -18.53 17.70 -17.20
N ASN B 138 -19.68 17.65 -16.52
CA ASN B 138 -21.00 17.41 -17.13
C ASN B 138 -21.05 16.07 -17.87
N PHE B 139 -20.97 15.00 -17.09
CA PHE B 139 -21.02 13.66 -17.64
C PHE B 139 -22.10 12.83 -16.94
N TYR B 140 -22.49 11.74 -17.60
CA TYR B 140 -23.45 10.79 -17.07
C TYR B 140 -23.22 9.46 -17.77
N PRO B 141 -23.28 8.32 -17.06
CA PRO B 141 -23.57 8.21 -15.62
C PRO B 141 -22.42 8.62 -14.71
N ARG B 142 -22.64 8.47 -13.40
CA ARG B 142 -21.69 8.95 -12.40
C ARG B 142 -20.39 8.17 -12.42
N GLU B 143 -20.42 6.91 -12.85
CA GLU B 143 -19.24 6.05 -12.79
C GLU B 143 -18.15 6.56 -13.74
N ALA B 144 -16.97 6.82 -13.21
CA ALA B 144 -15.83 7.26 -14.00
C ALA B 144 -14.55 6.85 -13.29
N LYS B 145 -13.49 6.70 -14.08
CA LYS B 145 -12.19 6.30 -13.56
C LYS B 145 -11.12 7.26 -14.06
N VAL B 146 -10.28 7.73 -13.13
CA VAL B 146 -9.22 8.68 -13.42
C VAL B 146 -7.91 8.07 -12.94
N GLN B 147 -6.88 8.13 -13.79
CA GLN B 147 -5.56 7.63 -13.45
C GLN B 147 -4.51 8.68 -13.79
N TRP B 148 -3.59 8.92 -12.87
CA TRP B 148 -2.55 9.92 -13.01
C TRP B 148 -1.22 9.26 -13.38
N LYS B 149 -0.49 9.90 -14.31
CA LYS B 149 0.85 9.48 -14.67
C LYS B 149 1.76 10.70 -14.70
N VAL B 150 2.94 10.57 -14.09
CA VAL B 150 3.96 11.61 -14.09
C VAL B 150 5.20 11.00 -14.74
N ASP B 151 5.52 11.44 -15.96
CA ASP B 151 6.58 10.83 -16.76
C ASP B 151 6.43 9.32 -16.80
N ASN B 152 5.21 8.88 -17.10
CA ASN B 152 4.82 7.47 -17.24
CA ASN B 152 4.79 7.48 -17.23
C ASN B 152 4.87 6.71 -15.92
N ALA B 153 5.05 7.38 -14.78
CA ALA B 153 4.99 6.72 -13.49
C ALA B 153 3.54 6.77 -13.00
N LEU B 154 2.96 5.60 -12.79
CA LEU B 154 1.59 5.54 -12.26
C LEU B 154 1.57 6.10 -10.86
N GLN B 155 0.65 7.03 -10.61
CA GLN B 155 0.51 7.67 -9.30
C GLN B 155 -0.62 6.99 -8.55
N SER B 156 -0.30 6.45 -7.37
CA SER B 156 -1.25 5.66 -6.59
C SER B 156 -1.22 6.14 -5.15
N GLY B 157 -2.38 6.55 -4.64
CA GLY B 157 -2.51 6.95 -3.25
C GLY B 157 -2.33 8.42 -2.97
N ASN B 158 -1.83 9.20 -3.93
CA ASN B 158 -1.56 10.62 -3.71
C ASN B 158 -2.53 11.52 -4.46
N SER B 159 -3.71 11.03 -4.80
CA SER B 159 -4.77 11.84 -5.40
C SER B 159 -6.07 11.61 -4.66
N GLN B 160 -6.96 12.60 -4.74
CA GLN B 160 -8.27 12.50 -4.11
C GLN B 160 -9.33 13.06 -5.06
N GLU B 161 -10.48 12.42 -5.07
CA GLU B 161 -11.60 12.78 -5.94
C GLU B 161 -12.74 13.38 -5.15
N SER B 162 -13.50 14.25 -5.81
CA SER B 162 -14.74 14.79 -5.27
C SER B 162 -15.73 14.91 -6.42
N VAL B 163 -17.01 14.67 -6.11
CA VAL B 163 -18.06 14.69 -7.12
C VAL B 163 -19.20 15.59 -6.63
N THR B 164 -19.75 16.39 -7.54
CA THR B 164 -20.89 17.24 -7.21
C THR B 164 -22.18 16.42 -7.22
N GLU B 165 -23.22 17.00 -6.65
CA GLU B 165 -24.55 16.45 -6.81
C GLU B 165 -24.99 16.58 -8.27
N GLN B 166 -25.92 15.72 -8.67
CA GLN B 166 -26.43 15.76 -10.03
C GLN B 166 -27.11 17.10 -10.31
N ASP B 167 -26.78 17.70 -11.44
CA ASP B 167 -27.29 19.01 -11.83
C ASP B 167 -28.56 18.82 -12.66
N SER B 168 -29.71 19.19 -12.09
CA SER B 168 -30.99 18.91 -12.74
C SER B 168 -31.16 19.66 -14.06
N LYS B 169 -30.35 20.69 -14.32
CA LYS B 169 -30.43 21.37 -15.60
C LYS B 169 -30.21 20.41 -16.76
N ASP B 170 -29.11 19.66 -16.72
CA ASP B 170 -28.81 18.65 -17.73
C ASP B 170 -28.65 17.25 -17.14
N SER B 171 -28.94 17.07 -15.85
CA SER B 171 -28.92 15.76 -15.19
C SER B 171 -27.53 15.14 -15.18
N THR B 172 -26.49 15.97 -15.21
CA THR B 172 -25.12 15.48 -15.28
C THR B 172 -24.40 15.66 -13.96
N TYR B 173 -23.23 15.03 -13.87
CA TYR B 173 -22.32 15.14 -12.74
C TYR B 173 -21.02 15.78 -13.19
N SER B 174 -20.28 16.32 -12.23
CA SER B 174 -18.93 16.81 -12.45
C SER B 174 -18.02 16.24 -11.37
N LEU B 175 -16.76 16.01 -11.74
CA LEU B 175 -15.81 15.36 -10.86
C LEU B 175 -14.47 16.06 -10.94
N SER B 176 -13.80 16.18 -9.80
CA SER B 176 -12.45 16.71 -9.72
C SER B 176 -11.53 15.65 -9.13
N SER B 177 -10.32 15.57 -9.66
CA SER B 177 -9.26 14.74 -9.09
C SER B 177 -8.02 15.59 -8.92
N THR B 178 -7.47 15.61 -7.71
CA THR B 178 -6.36 16.49 -7.36
C THR B 178 -5.15 15.66 -6.98
N LEU B 179 -4.07 15.81 -7.72
CA LEU B 179 -2.80 15.12 -7.47
C LEU B 179 -1.86 16.08 -6.74
N THR B 180 -1.35 15.64 -5.59
CA THR B 180 -0.49 16.48 -4.75
C THR B 180 0.94 15.96 -4.80
N LEU B 181 1.86 16.81 -5.25
CA LEU B 181 3.28 16.52 -5.26
C LEU B 181 4.02 17.56 -4.43
N SER B 182 5.24 17.22 -4.04
CA SER B 182 6.13 18.23 -3.48
C SER B 182 6.67 19.11 -4.60
N LYS B 183 7.16 20.30 -4.20
CA LYS B 183 7.75 21.20 -5.18
C LYS B 183 8.95 20.56 -5.87
N ALA B 184 9.83 19.94 -5.09
CA ALA B 184 11.02 19.29 -5.66
C ALA B 184 10.63 18.22 -6.66
N ASP B 185 9.69 17.35 -6.29
CA ASP B 185 9.26 16.29 -7.20
C ASP B 185 8.60 16.87 -8.44
N TYR B 186 7.79 17.91 -8.29
CA TYR B 186 7.10 18.48 -9.45
C TYR B 186 8.08 19.02 -10.48
N GLU B 187 9.16 19.64 -10.03
CA GLU B 187 10.11 20.25 -10.96
C GLU B 187 11.15 19.27 -11.48
N LYS B 188 11.08 18.01 -11.08
CA LYS B 188 11.96 16.97 -11.61
C LYS B 188 11.35 16.23 -12.79
N HIS B 189 10.13 16.57 -13.19
CA HIS B 189 9.41 15.80 -14.20
C HIS B 189 8.75 16.74 -15.19
N LYS B 190 8.34 16.17 -16.32
CA LYS B 190 7.88 16.95 -17.47
C LYS B 190 6.43 16.68 -17.83
N VAL B 191 6.05 15.42 -18.04
CA VAL B 191 4.74 15.09 -18.58
C VAL B 191 3.79 14.75 -17.44
N TYR B 192 2.71 15.50 -17.32
CA TYR B 192 1.66 15.29 -16.33
C TYR B 192 0.37 14.99 -17.06
N ALA B 193 -0.16 13.78 -16.87
CA ALA B 193 -1.32 13.31 -17.61
C ALA B 193 -2.32 12.66 -16.68
N CYS B 194 -3.60 13.02 -16.84
CA CYS B 194 -4.71 12.29 -16.26
C CYS B 194 -5.45 11.57 -17.37
N GLU B 195 -5.75 10.30 -17.15
CA GLU B 195 -6.46 9.47 -18.12
C GLU B 195 -7.86 9.17 -17.59
N VAL B 196 -8.86 9.34 -18.45
CA VAL B 196 -10.26 9.23 -18.05
C VAL B 196 -10.91 8.12 -18.88
N THR B 197 -11.56 7.19 -18.19
CA THR B 197 -12.39 6.18 -18.83
C THR B 197 -13.83 6.38 -18.37
N HIS B 198 -14.76 6.34 -19.32
CA HIS B 198 -16.16 6.58 -19.04
C HIS B 198 -16.97 5.92 -20.14
N GLN B 199 -18.20 5.51 -19.79
CA GLN B 199 -19.05 4.79 -20.74
C GLN B 199 -19.31 5.61 -21.99
N GLY B 200 -19.26 6.94 -21.89
CA GLY B 200 -19.49 7.79 -23.04
C GLY B 200 -18.31 7.94 -23.98
N LEU B 201 -17.16 7.37 -23.63
CA LEU B 201 -15.94 7.44 -24.43
C LEU B 201 -15.65 6.09 -25.06
N SER B 202 -15.48 6.07 -26.38
CA SER B 202 -15.14 4.83 -27.06
C SER B 202 -13.84 4.24 -26.53
N SER B 203 -12.86 5.09 -26.25
CA SER B 203 -11.59 4.69 -25.68
C SER B 203 -11.20 5.72 -24.63
N PRO B 204 -10.29 5.37 -23.71
CA PRO B 204 -9.89 6.33 -22.68
C PRO B 204 -9.35 7.62 -23.27
N VAL B 205 -9.60 8.72 -22.56
CA VAL B 205 -9.20 10.06 -22.97
C VAL B 205 -8.04 10.50 -22.10
N THR B 206 -6.96 10.96 -22.72
CA THR B 206 -5.80 11.50 -22.03
C THR B 206 -5.77 13.01 -22.17
N LYS B 207 -5.58 13.70 -21.05
CA LYS B 207 -5.40 15.14 -21.03
C LYS B 207 -4.10 15.42 -20.30
N SER B 208 -3.20 16.16 -20.93
CA SER B 208 -1.87 16.32 -20.36
C SER B 208 -1.31 17.70 -20.68
N PHE B 209 -0.29 18.08 -19.91
CA PHE B 209 0.53 19.23 -20.21
C PHE B 209 1.98 18.88 -19.90
N ASN B 210 2.90 19.61 -20.54
CA ASN B 210 4.32 19.45 -20.33
C ASN B 210 4.83 20.67 -19.56
N ARG B 211 5.46 20.43 -18.42
CA ARG B 211 5.94 21.52 -17.57
C ARG B 211 6.88 22.41 -18.35
N GLY B 212 6.54 23.70 -18.43
CA GLY B 212 7.30 24.67 -19.20
C GLY B 212 6.63 25.12 -20.48
N GLU B 213 5.70 24.33 -21.02
CA GLU B 213 4.98 24.72 -22.22
C GLU B 213 3.86 25.71 -21.90
N GLY C 8 -40.19 -10.62 27.04
CA GLY C 8 -39.97 -10.43 25.62
C GLY C 8 -40.63 -9.16 25.11
N GLN C 9 -40.32 -8.03 25.75
CA GLN C 9 -40.91 -6.76 25.40
C GLN C 9 -40.12 -6.10 24.28
N THR C 10 -40.80 -5.81 23.18
CA THR C 10 -40.19 -5.16 22.03
C THR C 10 -40.75 -3.75 21.87
N ALA C 11 -40.02 -2.92 21.13
CA ALA C 11 -40.50 -1.58 20.82
C ALA C 11 -41.78 -1.64 20.01
N GLY C 12 -41.88 -2.62 19.09
CA GLY C 12 -43.07 -2.72 18.27
C GLY C 12 -44.33 -3.02 19.06
N GLU C 13 -44.22 -3.89 20.06
CA GLU C 13 -45.40 -4.23 20.86
C GLU C 13 -45.85 -3.06 21.72
N LEU C 14 -44.92 -2.43 22.44
CA LEU C 14 -45.26 -1.29 23.28
C LEU C 14 -45.89 -0.18 22.46
N TYR C 15 -45.32 0.12 21.29
CA TYR C 15 -45.90 1.14 20.41
C TYR C 15 -47.30 0.72 19.94
N GLN C 16 -47.47 -0.56 19.62
CA GLN C 16 -48.77 -1.05 19.17
C GLN C 16 -49.81 -0.95 20.29
N ARG C 17 -49.40 -1.20 21.53
CA ARG C 17 -50.34 -1.08 22.65
C ARG C 17 -50.66 0.38 22.93
N TRP C 18 -49.67 1.27 22.82
CA TRP C 18 -49.92 2.69 22.95
C TRP C 18 -50.91 3.17 21.90
N GLU C 19 -50.72 2.74 20.64
CA GLU C 19 -51.63 3.14 19.58
C GLU C 19 -53.05 2.65 19.85
N ARG C 20 -53.20 1.44 20.40
CA ARG C 20 -54.53 0.97 20.74
C ARG C 20 -55.14 1.80 21.87
N TYR C 21 -54.34 2.19 22.86
CA TYR C 21 -54.83 3.08 23.90
C TYR C 21 -55.29 4.41 23.32
N ARG C 22 -54.48 4.96 22.39
CA ARG C 22 -54.85 6.21 21.75
C ARG C 22 -56.17 6.09 20.99
N ARG C 23 -56.37 4.95 20.32
CA ARG C 23 -57.61 4.74 19.59
C ARG C 23 -58.79 4.63 20.55
N GLU C 24 -58.62 3.93 21.68
CA GLU C 24 -59.68 3.86 22.67
C GLU C 24 -60.04 5.25 23.18
N CYS C 25 -59.05 6.11 23.36
CA CYS C 25 -59.31 7.47 23.83
C CYS C 25 -60.11 8.26 22.79
N GLN C 26 -59.76 8.12 21.51
CA GLN C 26 -60.50 8.82 20.46
C GLN C 26 -61.96 8.40 20.46
N GLU C 27 -62.22 7.10 20.46
CA GLU C 27 -63.59 6.60 20.43
C GLU C 27 -64.37 7.01 21.68
N THR C 28 -63.72 6.94 22.84
CA THR C 28 -64.38 7.33 24.08
C THR C 28 -64.80 8.78 24.04
N LEU C 29 -63.89 9.67 23.63
CA LEU C 29 -64.21 11.09 23.53
C LEU C 29 -65.26 11.36 22.46
N ALA C 30 -65.24 10.60 21.37
CA ALA C 30 -66.23 10.79 20.31
C ALA C 30 -67.63 10.42 20.78
N ALA C 31 -67.76 9.40 21.63
CA ALA C 31 -69.06 8.96 22.10
C ALA C 31 -69.61 9.83 23.21
N ALA C 32 -68.76 10.54 23.95
CA ALA C 32 -69.19 11.34 25.08
C ALA C 32 -69.86 12.63 24.60
N GLU C 33 -71.03 12.92 25.14
CA GLU C 33 -71.69 14.18 24.81
C GLU C 33 -70.97 15.33 25.53
N PRO C 34 -70.59 16.39 24.81
CA PRO C 34 -69.93 17.50 25.47
C PRO C 34 -70.85 18.15 26.49
N PRO C 35 -70.28 18.75 27.53
CA PRO C 35 -71.10 19.29 28.62
C PRO C 35 -71.81 20.58 28.22
N SER C 36 -72.75 21.00 29.08
CA SER C 36 -73.56 22.18 28.80
C SER C 36 -72.73 23.45 28.89
N GLY C 37 -72.18 23.72 30.07
CA GLY C 37 -71.47 24.96 30.33
C GLY C 37 -69.98 24.87 30.06
N LEU C 38 -69.25 25.80 30.67
CA LEU C 38 -67.81 25.87 30.50
C LEU C 38 -67.14 24.63 31.06
N ALA C 39 -66.14 24.12 30.33
CA ALA C 39 -65.39 22.95 30.78
C ALA C 39 -64.14 22.81 29.92
N CYS C 40 -63.11 22.21 30.50
CA CYS C 40 -61.93 21.85 29.74
C CYS C 40 -62.24 20.65 28.84
N ASN C 41 -61.80 20.74 27.59
CA ASN C 41 -62.18 19.74 26.60
C ASN C 41 -61.51 18.40 26.87
N GLY C 42 -62.26 17.32 26.67
CA GLY C 42 -61.66 16.00 26.73
C GLY C 42 -60.60 15.86 25.64
N SER C 43 -59.46 15.28 26.02
CA SER C 43 -58.32 15.29 25.11
C SER C 43 -57.32 14.21 25.50
N PHE C 44 -56.53 13.80 24.52
CA PHE C 44 -55.41 12.88 24.69
C PHE C 44 -54.12 13.70 24.58
N ASP C 45 -53.28 13.62 25.61
CA ASP C 45 -52.07 14.43 25.68
C ASP C 45 -50.80 13.64 25.34
N MET C 46 -50.91 12.62 24.48
CA MET C 46 -49.89 11.67 24.09
C MET C 46 -49.60 10.65 25.19
N TYR C 47 -50.10 10.86 26.40
CA TYR C 47 -49.80 9.99 27.53
C TYR C 47 -51.05 9.32 28.11
N VAL C 48 -52.10 10.09 28.39
CA VAL C 48 -53.28 9.56 29.04
C VAL C 48 -54.51 10.26 28.47
N CYS C 49 -55.66 9.60 28.61
CA CYS C 49 -56.92 10.15 28.14
C CYS C 49 -57.54 10.99 29.25
N TRP C 50 -57.91 12.22 28.92
CA TRP C 50 -58.55 13.13 29.85
C TRP C 50 -60.02 13.29 29.48
N ASP C 51 -60.89 13.07 30.45
CA ASP C 51 -62.30 13.36 30.28
C ASP C 51 -62.53 14.86 30.41
N TYR C 52 -63.73 15.30 30.01
CA TYR C 52 -64.11 16.69 30.27
C TYR C 52 -64.00 16.98 31.76
N ALA C 53 -63.60 18.20 32.09
CA ALA C 53 -63.36 18.57 33.47
C ALA C 53 -64.01 19.92 33.77
N ALA C 54 -64.48 20.06 35.02
CA ALA C 54 -65.09 21.31 35.44
C ALA C 54 -64.02 22.37 35.65
N PRO C 55 -64.34 23.64 35.38
CA PRO C 55 -63.37 24.71 35.66
C PRO C 55 -63.01 24.76 37.13
N ASN C 56 -61.74 25.05 37.40
CA ASN C 56 -61.14 25.09 38.74
C ASN C 56 -61.09 23.72 39.41
N ALA C 57 -61.38 22.65 38.70
CA ALA C 57 -61.34 21.31 39.29
C ALA C 57 -60.05 20.59 38.88
N THR C 58 -59.62 19.67 39.74
CA THR C 58 -58.47 18.82 39.46
C THR C 58 -58.97 17.55 38.78
N ALA C 59 -58.65 17.39 37.50
CA ALA C 59 -59.00 16.17 36.79
C ALA C 59 -58.07 15.05 37.18
N ARG C 60 -58.57 13.81 37.09
CA ARG C 60 -57.77 12.62 37.33
C ARG C 60 -58.02 11.62 36.22
N ALA C 61 -57.00 10.82 35.92
CA ALA C 61 -57.08 9.80 34.88
C ALA C 61 -56.29 8.58 35.34
N SER C 62 -56.91 7.41 35.22
CA SER C 62 -56.23 6.18 35.63
C SER C 62 -54.94 6.01 34.84
N CYS C 63 -53.94 5.43 35.50
CA CYS C 63 -52.68 5.13 34.85
C CYS C 63 -52.94 4.33 33.57
N PRO C 64 -52.33 4.71 32.44
CA PRO C 64 -52.66 4.05 31.18
C PRO C 64 -52.19 2.60 31.18
N TRP C 65 -53.00 1.74 30.56
CA TRP C 65 -52.76 0.30 30.64
C TRP C 65 -51.60 -0.15 29.77
N TYR C 66 -51.16 0.66 28.79
CA TYR C 66 -50.06 0.25 27.94
C TYR C 66 -48.72 0.24 28.66
N LEU C 67 -48.64 0.82 29.85
CA LEU C 67 -47.37 0.84 30.58
C LEU C 67 -46.92 -0.58 30.87
N PRO C 68 -45.64 -0.90 30.66
CA PRO C 68 -45.18 -2.27 30.95
C PRO C 68 -45.44 -2.69 32.38
N TRP C 69 -45.34 -1.75 33.33
CA TRP C 69 -45.54 -2.02 34.75
C TRP C 69 -46.94 -1.63 35.23
N HIS C 70 -47.94 -1.69 34.34
CA HIS C 70 -49.25 -1.15 34.68
C HIS C 70 -49.88 -1.85 35.87
N HIS C 71 -49.64 -3.16 36.02
CA HIS C 71 -50.25 -3.89 37.13
C HIS C 71 -49.80 -3.36 38.48
N HIS C 72 -48.60 -2.77 38.55
CA HIS C 72 -48.09 -2.21 39.80
C HIS C 72 -48.57 -0.79 40.06
N VAL C 73 -49.34 -0.19 39.16
CA VAL C 73 -49.81 1.18 39.32
C VAL C 73 -51.25 1.28 38.86
N ALA C 74 -51.96 0.15 38.86
CA ALA C 74 -53.33 0.13 38.33
C ALA C 74 -54.25 1.06 39.09
N ALA C 75 -54.05 1.21 40.39
CA ALA C 75 -54.89 2.07 41.22
C ALA C 75 -54.40 3.51 41.27
N GLY C 76 -53.41 3.88 40.45
CA GLY C 76 -52.90 5.23 40.44
C GLY C 76 -53.66 6.14 39.49
N PHE C 77 -53.45 7.44 39.65
CA PHE C 77 -54.13 8.45 38.85
C PHE C 77 -53.14 9.53 38.43
N VAL C 78 -53.23 9.92 37.15
CA VAL C 78 -52.58 11.13 36.67
C VAL C 78 -53.46 12.32 37.05
N LEU C 79 -52.84 13.44 37.38
CA LEU C 79 -53.56 14.63 37.83
C LEU C 79 -53.23 15.81 36.92
N ARG C 80 -54.26 16.63 36.64
CA ARG C 80 -54.10 17.84 35.85
C ARG C 80 -55.23 18.80 36.21
N GLN C 81 -54.90 20.09 36.28
CA GLN C 81 -55.86 21.12 36.69
C GLN C 81 -56.58 21.71 35.49
N CYS C 82 -57.89 21.88 35.64
CA CYS C 82 -58.71 22.59 34.66
C CYS C 82 -58.85 24.04 35.10
N GLY C 83 -58.40 24.97 34.25
CA GLY C 83 -58.38 26.37 34.61
C GLY C 83 -59.77 26.95 34.80
N SER C 84 -59.80 28.15 35.40
CA SER C 84 -61.07 28.83 35.62
C SER C 84 -61.76 29.21 34.33
N ASP C 85 -60.98 29.50 33.28
CA ASP C 85 -61.54 29.89 31.99
C ASP C 85 -61.82 28.70 31.08
N GLY C 86 -61.70 27.47 31.59
CA GLY C 86 -61.96 26.30 30.78
C GLY C 86 -60.79 25.84 29.94
N GLN C 87 -59.57 26.26 30.26
CA GLN C 87 -58.37 25.83 29.57
C GLN C 87 -57.52 24.99 30.53
N TRP C 88 -57.03 23.86 30.04
CA TRP C 88 -56.19 23.00 30.85
C TRP C 88 -54.94 23.75 31.30
N GLY C 89 -54.55 23.52 32.56
CA GLY C 89 -53.25 23.95 33.00
C GLY C 89 -52.15 23.12 32.35
N LEU C 90 -50.92 23.64 32.43
CA LEU C 90 -49.79 22.94 31.83
C LEU C 90 -49.22 21.85 32.74
N TRP C 91 -49.42 21.98 34.05
CA TRP C 91 -48.84 21.04 34.99
C TRP C 91 -49.52 19.69 34.89
N ARG C 92 -48.71 18.62 34.95
CA ARG C 92 -49.22 17.26 34.91
C ARG C 92 -48.38 16.41 35.86
N ASP C 93 -49.06 15.72 36.78
CA ASP C 93 -48.41 14.87 37.76
C ASP C 93 -48.80 13.41 37.47
N HIS C 94 -47.81 12.61 37.07
CA HIS C 94 -48.01 11.18 36.87
C HIS C 94 -47.11 10.37 37.78
N THR C 95 -46.74 10.94 38.93
CA THR C 95 -45.92 10.22 39.90
C THR C 95 -46.57 8.92 40.34
N GLN C 96 -47.90 8.91 40.45
CA GLN C 96 -48.59 7.68 40.84
C GLN C 96 -48.47 6.59 39.79
N CYS C 97 -48.10 6.93 38.55
CA CYS C 97 -48.00 5.98 37.46
C CYS C 97 -46.56 5.63 37.10
N GLU C 98 -45.59 6.06 37.90
CA GLU C 98 -44.20 5.80 37.57
C GLU C 98 -43.85 4.35 37.84
N ASN C 99 -42.84 3.87 37.12
CA ASN C 99 -42.28 2.55 37.37
C ASN C 99 -41.84 2.45 38.82
N PRO C 100 -42.29 1.44 39.57
CA PRO C 100 -41.91 1.37 40.99
C PRO C 100 -40.41 1.35 41.23
N GLU C 101 -39.63 0.90 40.26
CA GLU C 101 -38.17 0.84 40.37
C GLU C 101 -37.49 1.98 39.63
N LYS C 102 -38.03 3.18 39.67
CA LYS C 102 -37.47 4.29 38.90
C LYS C 102 -36.27 4.90 39.61
N ASN C 103 -35.21 5.13 38.85
CA ASN C 103 -33.96 5.69 39.34
C ASN C 103 -33.06 5.99 38.14
N GLU C 104 -33.15 7.22 37.62
CA GLU C 104 -32.43 7.56 36.38
C GLU C 104 -30.92 7.55 36.59
N ALA C 105 -30.45 7.90 37.79
CA ALA C 105 -29.01 7.98 38.02
C ALA C 105 -28.34 6.62 37.88
N PHE C 106 -28.99 5.56 38.37
CA PHE C 106 -28.44 4.22 38.25
C PHE C 106 -28.73 3.61 36.88
N LEU C 107 -29.82 4.02 36.23
CA LEU C 107 -30.04 3.65 34.85
C LEU C 107 -28.93 4.18 33.96
N ASP C 108 -28.49 5.42 34.18
CA ASP C 108 -27.34 5.97 33.46
C ASP C 108 -26.05 5.25 33.82
N GLN C 109 -26.02 4.57 34.97
CA GLN C 109 -24.82 3.87 35.40
C GLN C 109 -24.83 2.42 34.93
N GLN D 1 41.48 -1.59 -14.64
CA GLN D 1 42.41 -2.28 -15.52
C GLN D 1 41.71 -3.38 -16.30
N VAL D 2 41.84 -4.61 -15.79
CA VAL D 2 41.13 -5.75 -16.37
C VAL D 2 39.64 -5.49 -16.28
N GLN D 3 38.93 -5.71 -17.39
CA GLN D 3 37.51 -5.42 -17.46
C GLN D 3 36.82 -6.54 -18.20
N LEU D 4 35.91 -7.23 -17.53
CA LEU D 4 35.09 -8.27 -18.12
C LEU D 4 33.64 -7.82 -18.05
N VAL D 5 32.96 -7.79 -19.20
CA VAL D 5 31.59 -7.29 -19.30
C VAL D 5 30.74 -8.37 -19.94
N GLU D 6 29.86 -9.00 -19.16
CA GLU D 6 28.96 -10.02 -19.67
C GLU D 6 27.76 -9.39 -20.35
N SER D 7 27.23 -10.09 -21.36
CA SER D 7 26.03 -9.66 -22.04
C SER D 7 25.28 -10.89 -22.55
N GLY D 8 24.00 -10.70 -22.85
CA GLY D 8 23.16 -11.76 -23.35
C GLY D 8 22.18 -12.32 -22.34
N GLY D 9 22.26 -11.91 -21.08
CA GLY D 9 21.35 -12.43 -20.07
C GLY D 9 19.92 -11.98 -20.30
N GLY D 10 19.01 -12.72 -19.69
CA GLY D 10 17.59 -12.44 -19.82
C GLY D 10 16.77 -13.70 -19.59
N VAL D 11 15.53 -13.65 -20.06
CA VAL D 11 14.57 -14.73 -19.83
C VAL D 11 14.61 -15.70 -20.99
N VAL D 12 14.65 -16.99 -20.66
CA VAL D 12 14.59 -18.06 -21.65
C VAL D 12 13.65 -19.14 -21.11
N GLN D 13 12.79 -19.66 -21.97
CA GLN D 13 11.88 -20.71 -21.55
C GLN D 13 12.63 -22.02 -21.39
N PRO D 14 12.22 -22.87 -20.46
CA PRO D 14 12.85 -24.18 -20.32
C PRO D 14 12.74 -24.97 -21.62
N GLY D 15 13.85 -25.60 -22.01
CA GLY D 15 13.98 -26.31 -23.26
C GLY D 15 14.66 -25.50 -24.35
N ARG D 16 14.63 -24.17 -24.25
CA ARG D 16 15.16 -23.31 -25.29
C ARG D 16 16.67 -23.09 -25.07
N SER D 17 17.26 -22.25 -25.92
CA SER D 17 18.69 -22.02 -25.93
C SER D 17 19.00 -20.54 -25.75
N LEU D 18 20.20 -20.26 -25.24
CA LEU D 18 20.66 -18.90 -25.02
C LEU D 18 22.18 -18.89 -25.07
N ARG D 19 22.75 -17.84 -25.63
CA ARG D 19 24.20 -17.70 -25.73
C ARG D 19 24.65 -16.44 -24.99
N LEU D 20 25.56 -16.61 -24.05
CA LEU D 20 26.18 -15.50 -23.34
C LEU D 20 27.51 -15.14 -23.99
N SER D 21 27.84 -13.85 -23.93
CA SER D 21 29.14 -13.37 -24.38
C SER D 21 29.76 -12.52 -23.28
N CYS D 22 31.08 -12.37 -23.35
CA CYS D 22 31.84 -11.61 -22.37
C CYS D 22 32.96 -10.87 -23.09
N ALA D 23 32.99 -9.56 -22.96
CA ALA D 23 34.01 -8.73 -23.59
C ALA D 23 35.13 -8.46 -22.60
N ALA D 24 36.37 -8.70 -23.01
CA ALA D 24 37.52 -8.51 -22.15
C ALA D 24 38.29 -7.28 -22.58
N SER D 25 38.92 -6.62 -21.62
CA SER D 25 39.70 -5.43 -21.88
C SER D 25 40.69 -5.22 -20.75
N GLY D 26 41.72 -4.41 -21.01
CA GLY D 26 42.73 -4.11 -20.01
C GLY D 26 43.79 -5.17 -19.85
N PHE D 27 43.79 -6.20 -20.68
CA PHE D 27 44.82 -7.24 -20.65
C PHE D 27 44.81 -7.95 -21.99
N THR D 28 45.88 -8.69 -22.27
CA THR D 28 45.97 -9.44 -23.52
C THR D 28 45.10 -10.68 -23.40
N PHE D 29 43.93 -10.64 -24.04
CA PHE D 29 42.94 -11.70 -23.92
C PHE D 29 43.51 -13.04 -24.39
N SER D 30 44.31 -13.02 -25.47
CA SER D 30 44.85 -14.24 -26.06
C SER D 30 45.89 -14.93 -25.19
N ASN D 31 46.32 -14.32 -24.09
CA ASN D 31 47.32 -14.91 -23.22
C ASN D 31 46.75 -15.60 -21.99
N TYR D 32 45.42 -15.66 -21.85
CA TYR D 32 44.81 -16.21 -20.66
C TYR D 32 43.67 -17.16 -21.01
N GLY D 33 43.58 -18.24 -20.25
CA GLY D 33 42.35 -19.02 -20.22
C GLY D 33 41.23 -18.23 -19.58
N MET D 34 40.01 -18.78 -19.63
CA MET D 34 38.83 -18.10 -19.13
C MET D 34 37.89 -19.12 -18.49
N HIS D 35 37.04 -18.62 -17.58
CA HIS D 35 36.05 -19.44 -16.89
C HIS D 35 34.66 -18.86 -17.06
N TRP D 36 33.67 -19.71 -16.85
CA TRP D 36 32.32 -19.30 -16.50
C TRP D 36 31.98 -19.89 -15.14
N VAL D 37 31.44 -19.06 -14.25
CA VAL D 37 30.99 -19.48 -12.93
C VAL D 37 29.61 -18.86 -12.73
N ARG D 38 28.71 -19.60 -12.07
CA ARG D 38 27.36 -19.12 -11.87
C ARG D 38 27.00 -19.16 -10.39
N GLN D 39 25.94 -18.43 -10.05
CA GLN D 39 25.51 -18.33 -8.65
C GLN D 39 24.00 -18.12 -8.63
N ALA D 40 23.28 -19.13 -8.18
CA ALA D 40 21.84 -19.00 -8.05
C ALA D 40 21.50 -18.01 -6.94
N PRO D 41 20.34 -17.36 -7.01
CA PRO D 41 19.97 -16.41 -5.96
C PRO D 41 20.04 -17.02 -4.58
N GLY D 42 20.76 -16.35 -3.68
CA GLY D 42 20.92 -16.82 -2.32
C GLY D 42 21.73 -18.08 -2.15
N GLU D 43 22.56 -18.43 -3.14
CA GLU D 43 23.31 -19.67 -3.12
C GLU D 43 24.80 -19.37 -3.32
N GLY D 44 25.61 -20.43 -3.28
CA GLY D 44 27.04 -20.31 -3.41
C GLY D 44 27.51 -20.33 -4.85
N LEU D 45 28.82 -20.15 -5.00
CA LEU D 45 29.42 -20.17 -6.33
C LEU D 45 29.49 -21.60 -6.86
N GLU D 46 29.19 -21.75 -8.14
CA GLU D 46 29.22 -23.05 -8.81
C GLU D 46 29.98 -22.91 -10.12
N TRP D 47 31.14 -23.57 -10.22
CA TRP D 47 31.92 -23.54 -11.44
C TRP D 47 31.15 -24.18 -12.58
N VAL D 48 31.28 -23.61 -13.77
CA VAL D 48 30.52 -24.04 -14.95
C VAL D 48 31.43 -24.62 -16.03
N ALA D 49 32.41 -23.83 -16.50
CA ALA D 49 33.25 -24.27 -17.61
C ALA D 49 34.50 -23.41 -17.66
N ALA D 50 35.50 -23.92 -18.39
CA ALA D 50 36.74 -23.17 -18.61
C ALA D 50 37.35 -23.59 -19.93
N ILE D 51 38.23 -22.74 -20.46
CA ILE D 51 38.79 -22.93 -21.79
C ILE D 51 40.24 -22.47 -21.80
N TRP D 52 41.07 -23.18 -22.56
CA TRP D 52 42.47 -22.79 -22.74
C TRP D 52 42.57 -21.43 -23.44
N PHE D 53 43.75 -20.82 -23.29
CA PHE D 53 44.02 -19.55 -23.96
C PHE D 53 43.79 -19.64 -25.46
N ASP D 54 44.08 -20.80 -26.07
CA ASP D 54 43.94 -20.99 -27.50
C ASP D 54 42.87 -22.02 -27.85
N ALA D 55 42.03 -22.40 -26.89
CA ALA D 55 40.96 -23.38 -27.07
C ALA D 55 41.49 -24.78 -27.37
N SER D 56 42.67 -25.11 -26.86
CA SER D 56 43.19 -26.47 -27.02
C SER D 56 42.33 -27.49 -26.27
N ASP D 57 41.71 -27.08 -25.17
CA ASP D 57 40.83 -27.98 -24.43
C ASP D 57 39.77 -27.17 -23.73
N LYS D 58 38.69 -27.85 -23.34
CA LYS D 58 37.59 -27.24 -22.61
C LYS D 58 37.16 -28.20 -21.51
N TYR D 59 36.71 -27.63 -20.40
CA TYR D 59 36.33 -28.40 -19.23
C TYR D 59 34.98 -27.91 -18.73
N TYR D 60 34.20 -28.83 -18.17
CA TYR D 60 32.82 -28.54 -17.80
C TYR D 60 32.46 -29.24 -16.50
N ALA D 61 31.60 -28.61 -15.71
CA ALA D 61 31.03 -29.28 -14.56
C ALA D 61 30.09 -30.38 -15.02
N ASP D 62 29.93 -31.40 -14.18
CA ASP D 62 29.05 -32.52 -14.51
C ASP D 62 27.63 -32.02 -14.81
N ALA D 63 27.17 -31.02 -14.07
CA ALA D 63 25.78 -30.58 -14.18
C ALA D 63 25.45 -29.95 -15.52
N VAL D 64 26.46 -29.48 -16.27
CA VAL D 64 26.23 -28.83 -17.55
C VAL D 64 26.91 -29.54 -18.70
N LYS D 65 27.68 -30.61 -18.43
CA LYS D 65 28.37 -31.31 -19.50
C LYS D 65 27.36 -31.96 -20.43
N GLY D 66 27.48 -31.68 -21.73
CA GLY D 66 26.56 -32.14 -22.73
C GLY D 66 25.54 -31.12 -23.19
N ARG D 67 25.32 -30.06 -22.40
CA ARG D 67 24.35 -29.03 -22.72
C ARG D 67 24.99 -27.67 -23.01
N PHE D 68 26.06 -27.33 -22.30
CA PHE D 68 26.74 -26.05 -22.50
C PHE D 68 28.00 -26.25 -23.33
N THR D 69 28.33 -25.23 -24.13
CA THR D 69 29.54 -25.23 -24.93
C THR D 69 30.24 -23.89 -24.73
N ILE D 70 31.47 -23.93 -24.26
CA ILE D 70 32.29 -22.72 -24.08
C ILE D 70 33.17 -22.56 -25.30
N SER D 71 33.34 -21.31 -25.75
CA SER D 71 34.19 -21.01 -26.89
C SER D 71 34.71 -19.59 -26.74
N ARG D 72 35.63 -19.21 -27.63
CA ARG D 72 36.20 -17.89 -27.60
C ARG D 72 36.61 -17.48 -29.01
N ASP D 73 36.64 -16.17 -29.23
CA ASP D 73 37.13 -15.57 -30.47
C ASP D 73 38.19 -14.56 -30.05
N ASN D 74 39.46 -14.94 -30.15
CA ASN D 74 40.53 -14.05 -29.70
C ASN D 74 40.66 -12.81 -30.60
N SER D 75 40.11 -12.85 -31.80
CA SER D 75 40.19 -11.69 -32.68
C SER D 75 39.26 -10.56 -32.23
N LYS D 76 38.26 -10.86 -31.39
CA LYS D 76 37.34 -9.84 -30.90
C LYS D 76 37.29 -9.79 -29.38
N ASN D 77 38.26 -10.40 -28.70
CA ASN D 77 38.38 -10.33 -27.24
C ASN D 77 37.12 -10.80 -26.54
N THR D 78 36.50 -11.86 -27.07
CA THR D 78 35.19 -12.27 -26.61
C THR D 78 35.18 -13.75 -26.21
N LEU D 79 34.59 -14.02 -25.06
CA LEU D 79 34.31 -15.36 -24.56
C LEU D 79 32.82 -15.63 -24.70
N TYR D 80 32.48 -16.89 -24.99
CA TYR D 80 31.09 -17.26 -25.22
C TYR D 80 30.71 -18.45 -24.33
N LEU D 81 29.42 -18.52 -24.00
CA LEU D 81 28.83 -19.72 -23.40
C LEU D 81 27.52 -20.01 -24.12
N GLN D 82 27.49 -21.08 -24.89
CA GLN D 82 26.28 -21.52 -25.59
C GLN D 82 25.53 -22.48 -24.68
N MET D 83 24.35 -22.07 -24.23
CA MET D 83 23.55 -22.83 -23.26
C MET D 83 22.36 -23.45 -23.98
N ASN D 84 22.38 -24.78 -24.12
CA ASN D 84 21.24 -25.54 -24.63
C ASN D 84 20.62 -26.36 -23.51
N SER D 85 19.39 -26.82 -23.76
CA SER D 85 18.67 -27.70 -22.84
C SER D 85 18.58 -27.08 -21.44
N LEU D 86 18.11 -25.85 -21.38
CA LEU D 86 18.07 -25.10 -20.13
C LEU D 86 16.93 -25.59 -19.25
N ARG D 87 17.20 -25.77 -17.96
CA ARG D 87 16.20 -26.12 -16.96
C ARG D 87 16.07 -24.96 -15.97
N ALA D 88 14.99 -25.01 -15.19
CA ALA D 88 14.75 -23.97 -14.20
C ALA D 88 15.91 -23.83 -13.23
N GLU D 89 16.60 -24.93 -12.93
CA GLU D 89 17.73 -24.93 -12.01
C GLU D 89 18.95 -24.20 -12.57
N ASP D 90 18.96 -23.89 -13.86
CA ASP D 90 20.04 -23.11 -14.46
C ASP D 90 19.90 -21.62 -14.20
N THR D 91 18.82 -21.19 -13.54
CA THR D 91 18.65 -19.79 -13.18
C THR D 91 19.77 -19.36 -12.24
N ALA D 92 20.51 -18.34 -12.64
CA ALA D 92 21.66 -17.89 -11.86
C ALA D 92 22.24 -16.63 -12.49
N VAL D 93 23.07 -15.93 -11.70
CA VAL D 93 23.96 -14.92 -12.24
C VAL D 93 25.19 -15.62 -12.79
N TYR D 94 25.49 -15.41 -14.06
CA TYR D 94 26.61 -16.08 -14.71
C TYR D 94 27.79 -15.11 -14.76
N TYR D 95 28.90 -15.51 -14.14
CA TYR D 95 30.10 -14.69 -14.06
C TYR D 95 31.10 -15.10 -15.13
N CYS D 96 31.66 -14.11 -15.82
CA CYS D 96 32.85 -14.27 -16.63
C CYS D 96 34.07 -14.08 -15.74
N ALA D 97 35.09 -14.92 -15.94
CA ALA D 97 36.29 -14.78 -15.12
C ALA D 97 37.53 -15.15 -15.91
N ARG D 98 38.58 -14.34 -15.75
CA ARG D 98 39.87 -14.64 -16.35
C ARG D 98 40.60 -15.69 -15.52
N ASP D 99 41.29 -16.60 -16.20
CA ASP D 99 42.12 -17.58 -15.50
C ASP D 99 43.40 -16.92 -15.02
N GLN D 100 43.98 -17.49 -13.96
CA GLN D 100 45.28 -17.03 -13.51
C GLN D 100 46.37 -17.39 -14.50
N ALA D 101 46.19 -18.49 -15.25
CA ALA D 101 47.17 -18.91 -16.25
C ALA D 101 46.48 -19.13 -17.59
N ILE D 102 46.85 -20.20 -18.30
CA ILE D 102 46.42 -20.42 -19.68
C ILE D 102 45.52 -21.63 -19.83
N PHE D 103 45.25 -22.37 -18.75
CA PHE D 103 44.49 -23.62 -18.86
C PHE D 103 43.06 -23.53 -18.35
N GLY D 104 42.81 -22.72 -17.33
CA GLY D 104 41.50 -22.67 -16.70
C GLY D 104 41.47 -23.45 -15.40
N VAL D 105 42.14 -22.94 -14.37
CA VAL D 105 42.23 -23.64 -13.09
C VAL D 105 41.88 -22.71 -11.93
N VAL D 106 42.21 -21.43 -12.06
CA VAL D 106 42.01 -20.46 -10.98
C VAL D 106 41.44 -19.16 -11.53
N PRO D 107 40.14 -18.89 -11.36
CA PRO D 107 39.61 -17.58 -11.76
C PRO D 107 40.16 -16.46 -10.90
N ASP D 108 41.01 -15.59 -11.46
CA ASP D 108 41.65 -14.56 -10.64
C ASP D 108 40.98 -13.19 -10.73
N TYR D 109 40.21 -12.92 -11.79
CA TYR D 109 39.44 -11.69 -11.88
CA TYR D 109 39.45 -11.68 -11.88
C TYR D 109 38.08 -12.00 -12.47
N TRP D 110 37.03 -11.46 -11.85
CA TRP D 110 35.65 -11.76 -12.19
C TRP D 110 34.93 -10.51 -12.71
N GLY D 111 34.01 -10.73 -13.63
CA GLY D 111 33.09 -9.68 -14.06
C GLY D 111 31.96 -9.50 -13.06
N GLN D 112 31.05 -8.59 -13.40
CA GLN D 112 29.91 -8.32 -12.53
C GLN D 112 28.80 -9.34 -12.66
N GLY D 113 28.77 -10.10 -13.76
CA GLY D 113 27.77 -11.12 -13.96
C GLY D 113 26.51 -10.60 -14.62
N THR D 114 25.79 -11.53 -15.25
CA THR D 114 24.52 -11.25 -15.90
C THR D 114 23.50 -12.31 -15.51
N LEU D 115 22.27 -11.89 -15.29
CA LEU D 115 21.23 -12.78 -14.76
C LEU D 115 20.53 -13.52 -15.89
N VAL D 116 20.46 -14.85 -15.77
CA VAL D 116 19.76 -15.70 -16.71
C VAL D 116 18.60 -16.36 -15.98
N THR D 117 17.38 -16.09 -16.43
CA THR D 117 16.17 -16.60 -15.80
C THR D 117 15.53 -17.63 -16.72
N VAL D 118 15.50 -18.89 -16.28
CA VAL D 118 14.91 -19.97 -17.06
C VAL D 118 13.51 -20.21 -16.49
N SER D 119 12.50 -19.77 -17.23
CA SER D 119 11.12 -19.85 -16.76
C SER D 119 10.19 -19.68 -17.95
N SER D 120 8.98 -20.22 -17.80
CA SER D 120 7.94 -20.05 -18.80
C SER D 120 7.01 -18.88 -18.49
N ALA D 121 7.28 -18.13 -17.42
CA ALA D 121 6.42 -17.03 -17.03
C ALA D 121 6.49 -15.90 -18.05
N SER D 122 5.46 -15.07 -18.06
CA SER D 122 5.38 -13.93 -18.97
C SER D 122 5.81 -12.65 -18.25
N THR D 123 6.39 -11.73 -19.01
CA THR D 123 6.82 -10.45 -18.44
C THR D 123 5.61 -9.68 -17.94
N LYS D 124 5.72 -9.16 -16.71
CA LYS D 124 4.58 -8.53 -16.06
C LYS D 124 5.07 -7.58 -14.98
N GLY D 125 4.55 -6.36 -14.99
CA GLY D 125 4.85 -5.39 -13.97
C GLY D 125 4.13 -5.72 -12.68
N PRO D 126 4.64 -5.21 -11.55
CA PRO D 126 4.06 -5.54 -10.27
C PRO D 126 2.87 -4.67 -9.92
N SER D 127 2.01 -5.22 -9.07
CA SER D 127 1.07 -4.41 -8.31
C SER D 127 1.76 -3.94 -7.04
N VAL D 128 1.51 -2.70 -6.65
CA VAL D 128 2.12 -2.13 -5.45
C VAL D 128 0.99 -1.81 -4.48
N PHE D 129 1.07 -2.38 -3.28
CA PHE D 129 0.08 -2.19 -2.25
C PHE D 129 0.73 -1.58 -1.01
N PRO D 130 0.00 -0.75 -0.26
CA PRO D 130 0.58 -0.13 0.93
C PRO D 130 0.68 -1.10 2.09
N LEU D 131 1.71 -0.91 2.90
CA LEU D 131 1.84 -1.50 4.23
C LEU D 131 1.66 -0.34 5.20
N ALA D 132 0.41 -0.07 5.56
CA ALA D 132 0.07 1.20 6.19
C ALA D 132 0.54 1.23 7.64
N PRO D 133 1.07 2.35 8.11
CA PRO D 133 1.43 2.47 9.53
C PRO D 133 0.18 2.59 10.39
N SER D 134 0.29 2.10 11.62
CA SER D 134 -0.82 2.15 12.56
C SER D 134 -0.25 2.08 13.97
N SER D 135 -1.13 1.87 14.96
CA SER D 135 -0.66 1.62 16.31
C SER D 135 0.07 0.29 16.41
N LYS D 136 -0.31 -0.68 15.59
CA LYS D 136 0.34 -1.99 15.57
C LYS D 136 1.64 -1.99 14.79
N SER D 137 2.05 -0.85 14.25
CA SER D 137 3.36 -0.73 13.60
C SER D 137 4.20 0.39 14.21
N THR D 138 3.74 0.98 15.31
CA THR D 138 4.40 2.13 15.91
C THR D 138 4.95 1.75 17.29
N SER D 139 6.23 2.01 17.51
CA SER D 139 6.91 1.63 18.75
C SER D 139 7.59 2.85 19.35
N GLY D 140 7.01 3.37 20.43
CA GLY D 140 7.59 4.45 21.20
C GLY D 140 8.11 5.62 20.40
N GLY D 141 7.23 6.31 19.69
CA GLY D 141 7.64 7.44 18.87
C GLY D 141 8.20 7.07 17.52
N THR D 142 8.16 5.78 17.14
CA THR D 142 8.68 5.32 15.86
C THR D 142 7.66 4.41 15.21
N ALA D 143 7.29 4.74 13.97
CA ALA D 143 6.31 3.98 13.21
C ALA D 143 6.98 3.23 12.06
N ALA D 144 6.37 2.12 11.66
CA ALA D 144 6.85 1.32 10.54
C ALA D 144 5.81 1.32 9.43
N LEU D 145 6.26 1.55 8.20
CA LEU D 145 5.40 1.51 7.03
C LEU D 145 6.21 0.95 5.86
N GLY D 146 5.52 0.68 4.75
CA GLY D 146 6.22 0.11 3.61
C GLY D 146 5.32 -0.09 2.42
N CYS D 147 5.85 -0.83 1.46
CA CYS D 147 5.18 -1.15 0.21
C CYS D 147 5.36 -2.61 -0.13
N LEU D 148 4.27 -3.26 -0.54
CA LEU D 148 4.28 -4.63 -1.00
C LEU D 148 4.31 -4.64 -2.52
N VAL D 149 5.38 -5.19 -3.11
CA VAL D 149 5.59 -5.19 -4.54
C VAL D 149 5.36 -6.62 -5.01
N LYS D 150 4.18 -6.90 -5.56
CA LYS D 150 3.70 -8.27 -5.72
C LYS D 150 3.45 -8.61 -7.19
N ASP D 151 3.82 -9.84 -7.55
CA ASP D 151 3.46 -10.47 -8.83
C ASP D 151 4.09 -9.79 -10.04
N TYR D 152 5.42 -9.82 -10.12
CA TYR D 152 6.13 -9.31 -11.28
C TYR D 152 7.08 -10.36 -11.80
N PHE D 153 7.51 -10.19 -13.05
CA PHE D 153 8.46 -11.09 -13.68
C PHE D 153 9.09 -10.38 -14.86
N PRO D 154 10.41 -10.51 -15.07
CA PRO D 154 11.34 -11.21 -14.18
C PRO D 154 12.00 -10.26 -13.20
N GLU D 155 12.98 -10.75 -12.45
CA GLU D 155 13.87 -9.86 -11.72
C GLU D 155 14.62 -8.99 -12.74
N PRO D 156 15.07 -7.80 -12.34
CA PRO D 156 14.95 -7.19 -11.01
C PRO D 156 13.92 -6.06 -10.95
N VAL D 157 13.62 -5.62 -9.74
CA VAL D 157 12.94 -4.34 -9.51
C VAL D 157 13.82 -3.51 -8.60
N THR D 158 13.68 -2.19 -8.72
CA THR D 158 14.33 -1.26 -7.82
C THR D 158 13.26 -0.51 -7.04
N VAL D 159 13.53 -0.26 -5.76
CA VAL D 159 12.62 0.47 -4.89
C VAL D 159 13.40 1.59 -4.22
N SER D 160 12.86 2.80 -4.31
CA SER D 160 13.37 3.94 -3.56
C SER D 160 12.21 4.56 -2.79
N TRP D 161 12.53 5.47 -1.88
CA TRP D 161 11.53 6.19 -1.12
C TRP D 161 11.73 7.69 -1.33
N ASN D 162 10.63 8.40 -1.58
CA ASN D 162 10.63 9.84 -1.79
C ASN D 162 11.67 10.25 -2.84
N SER D 163 11.68 9.53 -3.96
CA SER D 163 12.55 9.80 -5.09
C SER D 163 14.03 9.77 -4.69
N GLY D 164 14.38 8.89 -3.76
CA GLY D 164 15.75 8.78 -3.29
C GLY D 164 16.11 9.70 -2.15
N ALA D 165 15.21 10.61 -1.76
CA ALA D 165 15.49 11.52 -0.66
C ALA D 165 15.33 10.85 0.70
N LEU D 166 14.82 9.63 0.77
CA LEU D 166 14.65 8.92 2.03
C LEU D 166 15.36 7.57 1.91
N THR D 167 16.47 7.42 2.63
CA THR D 167 17.18 6.14 2.74
C THR D 167 17.41 5.72 4.18
N SER D 168 17.34 6.62 5.14
CA SER D 168 17.57 6.27 6.53
C SER D 168 16.47 5.32 7.01
N GLY D 169 16.88 4.21 7.61
CA GLY D 169 15.93 3.24 8.14
C GLY D 169 15.17 2.45 7.11
N VAL D 170 15.58 2.47 5.85
CA VAL D 170 14.90 1.73 4.79
C VAL D 170 15.42 0.31 4.77
N HIS D 171 14.52 -0.66 4.66
CA HIS D 171 14.86 -2.07 4.48
C HIS D 171 14.09 -2.60 3.29
N THR D 172 14.78 -2.84 2.18
CA THR D 172 14.17 -3.44 0.99
C THR D 172 14.61 -4.89 0.92
N PHE D 173 13.66 -5.79 1.09
CA PHE D 173 13.98 -7.21 1.25
C PHE D 173 14.25 -7.89 -0.09
N PRO D 174 15.10 -8.91 -0.10
CA PRO D 174 15.27 -9.71 -1.32
C PRO D 174 13.94 -10.34 -1.71
N ALA D 175 13.68 -10.37 -3.01
CA ALA D 175 12.43 -10.92 -3.49
C ALA D 175 12.37 -12.42 -3.25
N VAL D 176 11.16 -12.94 -3.19
CA VAL D 176 10.94 -14.38 -3.16
C VAL D 176 10.22 -14.78 -4.44
N LEU D 177 10.46 -16.01 -4.88
CA LEU D 177 9.76 -16.58 -6.01
C LEU D 177 8.53 -17.32 -5.49
N GLN D 178 7.35 -16.92 -5.96
CA GLN D 178 6.12 -17.57 -5.54
C GLN D 178 5.88 -18.82 -6.38
N SER D 179 4.91 -19.64 -5.94
CA SER D 179 4.60 -20.86 -6.66
C SER D 179 3.92 -20.60 -8.00
N SER D 180 3.45 -19.37 -8.24
CA SER D 180 2.91 -18.97 -9.53
C SER D 180 3.99 -18.67 -10.55
N GLY D 181 5.25 -18.73 -10.18
CA GLY D 181 6.33 -18.30 -11.04
C GLY D 181 6.59 -16.81 -11.05
N LEU D 182 5.85 -16.04 -10.26
CA LEU D 182 6.01 -14.60 -10.18
C LEU D 182 6.71 -14.22 -8.88
N TYR D 183 7.42 -13.10 -8.91
CA TYR D 183 8.19 -12.64 -7.76
C TYR D 183 7.37 -11.67 -6.90
N SER D 184 7.86 -11.45 -5.69
CA SER D 184 7.22 -10.54 -4.75
C SER D 184 8.26 -10.09 -3.73
N LEU D 185 8.26 -8.80 -3.41
CA LEU D 185 9.12 -8.29 -2.35
C LEU D 185 8.38 -7.20 -1.59
N SER D 186 8.94 -6.86 -0.43
CA SER D 186 8.45 -5.74 0.38
C SER D 186 9.63 -4.83 0.72
N SER D 187 9.35 -3.54 0.79
CA SER D 187 10.30 -2.55 1.29
C SER D 187 9.63 -1.79 2.43
N VAL D 188 10.33 -1.64 3.54
CA VAL D 188 9.80 -0.99 4.72
C VAL D 188 10.75 0.10 5.18
N VAL D 189 10.23 1.01 6.01
CA VAL D 189 11.02 2.08 6.60
C VAL D 189 10.38 2.44 7.93
N THR D 190 11.23 2.79 8.90
CA THR D 190 10.77 3.29 10.19
C THR D 190 10.96 4.80 10.25
N VAL D 191 9.94 5.48 10.77
CA VAL D 191 9.91 6.95 10.82
C VAL D 191 9.34 7.38 12.16
N PRO D 192 9.56 8.65 12.54
CA PRO D 192 8.92 9.17 13.76
C PRO D 192 7.40 9.18 13.62
N SER D 193 6.73 8.81 14.71
CA SER D 193 5.27 8.82 14.71
C SER D 193 4.72 10.22 14.47
N SER D 194 5.32 11.21 15.13
CA SER D 194 4.87 12.60 14.99
C SER D 194 4.99 13.11 13.56
N SER D 195 5.71 12.41 12.69
CA SER D 195 5.88 12.83 11.30
C SER D 195 4.76 12.33 10.39
N LEU D 196 3.95 11.36 10.85
CA LEU D 196 2.94 10.78 9.97
C LEU D 196 1.94 11.81 9.47
N GLY D 197 1.71 12.87 10.25
CA GLY D 197 0.76 13.88 9.85
C GLY D 197 1.35 15.00 9.00
N THR D 198 2.68 15.14 9.02
CA THR D 198 3.33 16.26 8.35
C THR D 198 4.17 15.86 7.15
N GLN D 199 4.68 14.63 7.09
CA GLN D 199 5.57 14.22 6.02
C GLN D 199 4.91 13.16 5.13
N THR D 200 5.11 13.29 3.83
CA THR D 200 4.60 12.35 2.85
C THR D 200 5.63 11.26 2.57
N TYR D 201 5.18 10.02 2.52
CA TYR D 201 6.05 8.88 2.26
C TYR D 201 5.56 8.19 0.98
N ILE D 202 6.45 8.12 -0.02
CA ILE D 202 6.14 7.57 -1.32
C ILE D 202 7.22 6.56 -1.67
N CYS D 203 6.82 5.34 -2.03
CA CYS D 203 7.76 4.34 -2.51
C CYS D 203 7.74 4.34 -4.04
N ASN D 204 8.91 4.48 -4.64
CA ASN D 204 9.05 4.53 -6.09
C ASN D 204 9.52 3.17 -6.58
N VAL D 205 8.67 2.51 -7.37
CA VAL D 205 8.92 1.16 -7.86
C VAL D 205 9.20 1.23 -9.36
N ASN D 206 10.30 0.62 -9.79
CA ASN D 206 10.67 0.57 -11.20
C ASN D 206 10.93 -0.88 -11.59
N HIS D 207 10.14 -1.38 -12.53
CA HIS D 207 10.32 -2.70 -13.13
C HIS D 207 10.70 -2.49 -14.59
N LYS D 208 11.99 -2.26 -14.81
CA LYS D 208 12.51 -1.98 -16.13
C LYS D 208 12.15 -3.04 -17.18
N PRO D 209 12.13 -4.35 -16.87
CA PRO D 209 11.78 -5.35 -17.91
C PRO D 209 10.41 -5.15 -18.54
N SER D 210 9.45 -4.56 -17.83
CA SER D 210 8.12 -4.31 -18.37
C SER D 210 7.83 -2.82 -18.57
N ASN D 211 8.83 -1.95 -18.40
CA ASN D 211 8.62 -0.50 -18.48
C ASN D 211 7.55 -0.03 -17.50
N THR D 212 7.55 -0.61 -16.29
CA THR D 212 6.55 -0.28 -15.29
C THR D 212 7.17 0.58 -14.19
N LYS D 213 6.57 1.75 -13.94
CA LYS D 213 6.95 2.62 -12.86
C LYS D 213 5.71 2.98 -12.06
N VAL D 214 5.80 2.86 -10.74
CA VAL D 214 4.68 3.18 -9.85
C VAL D 214 5.21 3.99 -8.66
N ASP D 215 4.56 5.10 -8.37
CA ASP D 215 4.80 5.87 -7.15
C ASP D 215 3.61 5.67 -6.22
N LYS D 216 3.85 5.10 -5.04
CA LYS D 216 2.80 4.72 -4.12
C LYS D 216 2.94 5.51 -2.82
N LYS D 217 1.96 6.36 -2.53
CA LYS D 217 1.91 7.04 -1.23
C LYS D 217 1.37 6.09 -0.17
N VAL D 218 2.04 6.04 0.98
CA VAL D 218 1.65 5.18 2.09
C VAL D 218 1.26 6.07 3.26
N GLU D 219 0.05 5.86 3.78
CA GLU D 219 -0.51 6.72 4.81
C GLU D 219 -1.31 5.88 5.79
N PRO D 220 -1.52 6.39 7.02
CA PRO D 220 -2.37 5.66 7.96
C PRO D 220 -3.77 5.45 7.41
N LYS D 221 -4.32 4.27 7.65
CA LYS D 221 -5.64 3.91 7.13
C LYS D 221 -6.74 4.74 7.78
N GLU E 1 33.19 -36.03 -8.96
CA GLU E 1 33.91 -34.81 -8.64
C GLU E 1 34.49 -34.85 -7.23
N ILE E 2 35.50 -34.03 -6.98
CA ILE E 2 36.05 -33.86 -5.64
C ILE E 2 35.12 -32.91 -4.89
N VAL E 3 34.61 -33.38 -3.75
CA VAL E 3 33.65 -32.61 -2.96
C VAL E 3 34.41 -31.74 -1.96
N MET E 4 34.09 -30.45 -1.94
CA MET E 4 34.64 -29.50 -0.99
C MET E 4 33.55 -29.13 0.02
N THR E 5 33.86 -29.29 1.30
CA THR E 5 32.93 -28.97 2.38
C THR E 5 33.58 -27.99 3.34
N GLN E 6 32.91 -26.87 3.60
CA GLN E 6 33.41 -25.83 4.48
C GLN E 6 32.63 -25.83 5.79
N SER E 7 33.28 -25.34 6.84
CA SER E 7 32.68 -25.28 8.16
C SER E 7 33.35 -24.18 8.96
N PRO E 8 32.60 -23.47 9.83
CA PRO E 8 31.15 -23.63 9.99
C PRO E 8 30.39 -22.89 8.89
N ALA E 9 29.06 -23.08 8.84
CA ALA E 9 28.27 -22.35 7.86
C ALA E 9 28.36 -20.85 8.11
N THR E 10 28.33 -20.44 9.37
CA THR E 10 28.48 -19.04 9.76
C THR E 10 29.47 -18.95 10.90
N LEU E 11 30.28 -17.89 10.89
CA LEU E 11 31.22 -17.60 11.98
C LEU E 11 30.94 -16.18 12.46
N SER E 12 30.65 -16.04 13.76
CA SER E 12 30.29 -14.76 14.36
C SER E 12 31.48 -14.25 15.17
N VAL E 13 32.09 -13.16 14.72
CA VAL E 13 33.32 -12.65 15.31
C VAL E 13 33.18 -11.16 15.58
N SER E 14 33.79 -10.70 16.67
CA SER E 14 33.80 -9.28 16.99
C SER E 14 34.89 -8.57 16.21
N PRO E 15 34.67 -7.32 15.82
CA PRO E 15 35.70 -6.56 15.09
C PRO E 15 37.01 -6.53 15.86
N GLY E 16 38.11 -6.71 15.15
CA GLY E 16 39.43 -6.76 15.77
C GLY E 16 39.88 -8.12 16.24
N GLU E 17 39.01 -9.13 16.17
CA GLU E 17 39.34 -10.46 16.64
C GLU E 17 39.79 -11.34 15.47
N ARG E 18 40.14 -12.59 15.79
CA ARG E 18 40.66 -13.52 14.79
C ARG E 18 39.54 -14.42 14.27
N ALA E 19 39.53 -14.63 12.95
CA ALA E 19 38.61 -15.54 12.30
C ALA E 19 39.40 -16.68 11.68
N THR E 20 38.97 -17.91 11.93
CA THR E 20 39.61 -19.11 11.39
C THR E 20 38.55 -19.94 10.68
N LEU E 21 38.75 -20.19 9.39
CA LEU E 21 37.80 -20.92 8.56
C LEU E 21 38.39 -22.24 8.09
N SER E 22 37.52 -23.24 7.91
CA SER E 22 37.94 -24.58 7.55
C SER E 22 37.40 -24.98 6.18
N CYS E 23 38.20 -25.75 5.44
CA CYS E 23 37.79 -26.32 4.16
C CYS E 23 38.32 -27.75 4.12
N ARG E 24 37.46 -28.69 3.70
CA ARG E 24 37.84 -30.09 3.62
C ARG E 24 37.55 -30.61 2.22
N ALA E 25 38.50 -31.34 1.65
CA ALA E 25 38.32 -32.01 0.37
C ALA E 25 38.06 -33.49 0.61
N SER E 26 37.18 -34.07 -0.21
CA SER E 26 36.84 -35.48 -0.08
C SER E 26 38.00 -36.39 -0.44
N GLN E 27 38.96 -35.91 -1.21
CA GLN E 27 40.18 -36.66 -1.50
C GLN E 27 41.32 -35.65 -1.65
N SER E 28 42.54 -36.16 -1.67
CA SER E 28 43.72 -35.30 -1.68
C SER E 28 43.71 -34.39 -2.89
N VAL E 29 43.99 -33.10 -2.65
CA VAL E 29 44.14 -32.11 -3.71
C VAL E 29 45.50 -31.42 -3.61
N SER E 30 46.43 -32.03 -2.88
CA SER E 30 47.80 -31.53 -2.70
C SER E 30 47.70 -30.12 -2.13
N SER E 31 48.40 -29.13 -2.72
CA SER E 31 48.26 -27.74 -2.32
C SER E 31 47.52 -26.92 -3.37
N ASN E 32 46.73 -27.57 -4.21
CA ASN E 32 46.03 -26.89 -5.30
C ASN E 32 44.65 -26.44 -4.81
N LEU E 33 44.67 -25.43 -3.94
CA LEU E 33 43.45 -24.93 -3.33
C LEU E 33 43.50 -23.41 -3.25
N ALA E 34 42.41 -22.77 -3.66
CA ALA E 34 42.27 -21.32 -3.62
C ALA E 34 41.16 -20.91 -2.66
N TRP E 35 41.23 -19.67 -2.19
CA TRP E 35 40.21 -19.07 -1.34
C TRP E 35 39.71 -17.78 -1.98
N TYR E 36 38.40 -17.56 -1.90
CA TYR E 36 37.78 -16.37 -2.47
C TYR E 36 36.93 -15.69 -1.40
N GLN E 37 36.77 -14.37 -1.56
CA GLN E 37 35.90 -13.56 -0.72
C GLN E 37 34.79 -12.98 -1.58
N GLN E 38 33.57 -12.99 -1.06
CA GLN E 38 32.47 -12.33 -1.75
C GLN E 38 31.60 -11.58 -0.77
N LYS E 39 31.36 -10.32 -1.05
CA LYS E 39 30.43 -9.48 -0.33
C LYS E 39 29.11 -9.42 -1.10
N PRO E 40 27.98 -9.27 -0.41
CA PRO E 40 26.69 -9.27 -1.09
C PRO E 40 26.62 -8.20 -2.17
N GLY E 41 26.12 -8.58 -3.34
CA GLY E 41 26.01 -7.64 -4.44
C GLY E 41 27.31 -7.30 -5.13
N GLN E 42 28.37 -8.07 -4.90
CA GLN E 42 29.67 -7.79 -5.51
C GLN E 42 30.26 -9.07 -6.09
N ALA E 43 31.23 -8.89 -6.98
CA ALA E 43 31.90 -10.02 -7.61
C ALA E 43 32.87 -10.67 -6.63
N PRO E 44 33.10 -11.97 -6.76
CA PRO E 44 34.10 -12.63 -5.91
C PRO E 44 35.50 -12.08 -6.17
N ARG E 45 36.39 -12.38 -5.24
CA ARG E 45 37.72 -11.83 -5.23
C ARG E 45 38.68 -12.88 -4.67
N LEU E 46 39.72 -13.22 -5.44
CA LEU E 46 40.70 -14.24 -5.09
C LEU E 46 41.58 -13.78 -3.94
N LEU E 47 41.72 -14.59 -2.91
CA LEU E 47 42.56 -14.24 -1.78
C LEU E 47 43.84 -15.06 -1.74
N ILE E 48 43.70 -16.38 -1.81
CA ILE E 48 44.79 -17.32 -1.65
C ILE E 48 44.77 -18.27 -2.84
N TYR E 49 45.95 -18.67 -3.30
CA TYR E 49 46.08 -19.79 -4.21
C TYR E 49 47.29 -20.60 -3.76
N GLY E 50 47.36 -21.84 -4.23
CA GLY E 50 48.41 -22.72 -3.76
C GLY E 50 48.36 -22.96 -2.25
N ALA E 51 47.16 -22.90 -1.67
CA ALA E 51 46.91 -23.15 -0.25
C ALA E 51 47.47 -22.06 0.68
N ALA E 52 48.62 -21.48 0.33
CA ALA E 52 49.26 -20.54 1.24
C ALA E 52 49.78 -19.27 0.60
N THR E 53 49.63 -19.09 -0.72
CA THR E 53 50.15 -17.91 -1.39
C THR E 53 49.05 -16.88 -1.59
N ARG E 54 49.30 -15.65 -1.18
CA ARG E 54 48.31 -14.60 -1.34
C ARG E 54 48.36 -13.99 -2.73
N ALA E 55 47.20 -13.57 -3.21
CA ALA E 55 47.13 -12.84 -4.45
C ALA E 55 47.72 -11.44 -4.26
N THR E 56 48.05 -10.81 -5.39
CA THR E 56 48.64 -9.49 -5.35
C THR E 56 47.65 -8.48 -4.77
N GLY E 57 48.11 -7.68 -3.82
CA GLY E 57 47.27 -6.69 -3.17
C GLY E 57 46.48 -7.20 -1.98
N ILE E 58 46.63 -8.46 -1.61
CA ILE E 58 45.92 -9.00 -0.44
C ILE E 58 46.71 -8.66 0.81
N PRO E 59 46.06 -8.13 1.86
CA PRO E 59 46.80 -7.72 3.06
C PRO E 59 47.44 -8.91 3.77
N ALA E 60 48.45 -8.60 4.59
CA ALA E 60 49.20 -9.63 5.27
C ALA E 60 48.41 -10.31 6.38
N ARG E 61 47.35 -9.67 6.88
CA ARG E 61 46.57 -10.27 7.95
C ARG E 61 45.82 -11.52 7.51
N VAL E 62 45.66 -11.71 6.20
CA VAL E 62 45.05 -12.92 5.65
C VAL E 62 46.14 -13.94 5.38
N SER E 63 45.90 -15.19 5.74
CA SER E 63 46.87 -16.23 5.50
C SER E 63 46.16 -17.57 5.41
N GLY E 64 46.75 -18.49 4.65
CA GLY E 64 46.19 -19.82 4.48
C GLY E 64 47.24 -20.88 4.72
N SER E 65 46.76 -22.04 5.16
CA SER E 65 47.63 -23.18 5.42
C SER E 65 46.92 -24.45 5.00
N GLY E 66 47.67 -25.55 5.00
CA GLY E 66 47.10 -26.84 4.70
C GLY E 66 47.63 -27.48 3.43
N SER E 67 47.47 -28.80 3.32
CA SER E 67 47.84 -29.56 2.14
C SER E 67 47.21 -30.93 2.26
N GLY E 68 46.79 -31.49 1.11
CA GLY E 68 46.13 -32.78 1.11
C GLY E 68 44.61 -32.67 1.04
N THR E 69 43.95 -32.76 2.20
CA THR E 69 42.50 -32.70 2.26
C THR E 69 41.99 -31.63 3.22
N GLU E 70 42.88 -30.90 3.91
CA GLU E 70 42.47 -30.04 5.01
C GLU E 70 43.20 -28.70 4.94
N PHE E 71 42.44 -27.62 4.99
CA PHE E 71 42.98 -26.29 4.77
C PHE E 71 42.32 -25.30 5.71
N THR E 72 43.05 -24.23 6.03
CA THR E 72 42.56 -23.19 6.92
C THR E 72 42.81 -21.83 6.30
N LEU E 73 41.80 -20.97 6.38
CA LEU E 73 41.95 -19.55 6.07
C LEU E 73 41.85 -18.78 7.38
N THR E 74 42.80 -17.87 7.60
CA THR E 74 42.91 -17.18 8.88
C THR E 74 43.11 -15.70 8.67
N ILE E 75 42.26 -14.88 9.27
CA ILE E 75 42.42 -13.44 9.31
C ILE E 75 42.72 -13.06 10.75
N SER E 76 43.90 -12.46 10.97
CA SER E 76 44.37 -12.22 12.33
C SER E 76 43.49 -11.23 13.07
N SER E 77 43.17 -10.10 12.44
CA SER E 77 42.38 -9.06 13.07
C SER E 77 41.43 -8.47 12.03
N LEU E 78 40.12 -8.67 12.22
CA LEU E 78 39.14 -8.31 11.22
C LEU E 78 38.85 -6.81 11.19
N GLN E 79 38.77 -6.26 9.99
CA GLN E 79 38.18 -4.96 9.72
C GLN E 79 36.83 -5.18 9.05
N SER E 80 36.12 -4.10 8.70
CA SER E 80 34.78 -4.26 8.11
C SER E 80 34.86 -5.00 6.79
N GLU E 81 35.79 -4.60 5.92
CA GLU E 81 35.92 -5.23 4.61
C GLU E 81 36.16 -6.72 4.70
N ASP E 82 36.47 -7.25 5.88
CA ASP E 82 36.70 -8.67 6.06
C ASP E 82 35.44 -9.46 6.36
N PHE E 83 34.36 -8.80 6.75
CA PHE E 83 33.09 -9.49 6.99
C PHE E 83 32.41 -9.73 5.64
N ALA E 84 32.35 -10.99 5.24
CA ALA E 84 31.85 -11.40 3.93
C ALA E 84 31.71 -12.91 3.93
N VAL E 85 31.42 -13.48 2.77
CA VAL E 85 31.36 -14.92 2.58
C VAL E 85 32.65 -15.38 1.92
N TYR E 86 33.22 -16.46 2.42
CA TYR E 86 34.47 -16.99 1.90
C TYR E 86 34.26 -18.40 1.35
N TYR E 87 34.83 -18.67 0.18
CA TYR E 87 34.72 -19.95 -0.49
C TYR E 87 36.10 -20.52 -0.75
N CYS E 88 36.23 -21.84 -0.63
CA CYS E 88 37.42 -22.53 -1.11
C CYS E 88 37.11 -23.22 -2.43
N GLN E 89 38.17 -23.52 -3.18
CA GLN E 89 38.03 -24.14 -4.50
C GLN E 89 39.29 -24.94 -4.82
N GLN E 90 39.11 -26.20 -5.19
CA GLN E 90 40.22 -27.04 -5.60
C GLN E 90 40.42 -26.98 -7.11
N TYR E 91 41.67 -27.09 -7.52
CA TYR E 91 42.01 -27.23 -8.94
C TYR E 91 43.04 -28.35 -9.13
N ASN E 92 42.97 -29.39 -8.30
CA ASN E 92 43.83 -30.54 -8.50
C ASN E 92 43.43 -31.31 -9.74
N ASN E 93 42.14 -31.34 -10.06
CA ASN E 93 41.70 -31.93 -11.32
C ASN E 93 40.34 -31.36 -11.70
N TRP E 94 40.08 -31.36 -13.00
CA TRP E 94 38.77 -31.00 -13.52
C TRP E 94 37.77 -32.13 -13.26
N PRO E 95 36.49 -31.82 -13.03
CA PRO E 95 35.94 -30.46 -12.93
C PRO E 95 36.30 -29.74 -11.63
N LEU E 96 36.58 -28.45 -11.75
CA LEU E 96 36.83 -27.63 -10.57
C LEU E 96 35.57 -27.54 -9.71
N THR E 97 35.77 -27.46 -8.39
CA THR E 97 34.64 -27.47 -7.47
C THR E 97 34.89 -26.47 -6.35
N PHE E 98 33.84 -25.72 -6.02
CA PHE E 98 33.82 -24.78 -4.90
C PHE E 98 33.21 -25.42 -3.67
N GLY E 99 33.71 -25.03 -2.51
CA GLY E 99 33.01 -25.31 -1.27
C GLY E 99 31.72 -24.52 -1.18
N GLY E 100 30.90 -24.86 -0.20
CA GLY E 100 29.62 -24.21 -0.01
C GLY E 100 29.68 -22.81 0.58
N GLY E 101 30.82 -22.42 1.11
CA GLY E 101 30.99 -21.08 1.64
C GLY E 101 30.85 -21.03 3.16
N THR E 102 31.46 -20.00 3.73
CA THR E 102 31.35 -19.71 5.16
C THR E 102 31.15 -18.21 5.33
N LYS E 103 30.05 -17.82 5.95
CA LYS E 103 29.75 -16.41 6.18
C LYS E 103 30.40 -15.95 7.47
N VAL E 104 31.14 -14.85 7.41
CA VAL E 104 31.74 -14.23 8.57
C VAL E 104 30.95 -12.97 8.88
N GLU E 105 30.17 -13.01 9.95
CA GLU E 105 29.29 -11.92 10.33
C GLU E 105 29.78 -11.26 11.60
N ILE E 106 29.29 -10.04 11.84
CA ILE E 106 29.71 -9.25 12.98
C ILE E 106 28.99 -9.74 14.23
N LYS E 107 29.75 -10.11 15.25
CA LYS E 107 29.17 -10.46 16.54
C LYS E 107 28.85 -9.20 17.32
N ARG E 108 27.68 -9.19 17.96
CA ARG E 108 27.25 -8.05 18.75
C ARG E 108 26.38 -8.57 19.89
N THR E 109 25.95 -7.66 20.75
CA THR E 109 25.05 -8.03 21.84
C THR E 109 23.69 -8.42 21.29
N VAL E 110 22.98 -9.24 22.07
CA VAL E 110 21.65 -9.68 21.68
C VAL E 110 20.71 -8.48 21.61
N ALA E 111 19.95 -8.38 20.53
CA ALA E 111 18.97 -7.32 20.33
C ALA E 111 17.65 -7.95 19.91
N ALA E 112 16.62 -7.76 20.73
CA ALA E 112 15.31 -8.30 20.39
C ALA E 112 14.71 -7.52 19.23
N PRO E 113 13.91 -8.18 18.39
CA PRO E 113 13.25 -7.49 17.28
C PRO E 113 12.08 -6.64 17.76
N SER E 114 11.89 -5.52 17.07
CA SER E 114 10.60 -4.84 17.10
C SER E 114 9.70 -5.50 16.05
N VAL E 115 8.50 -5.87 16.48
CA VAL E 115 7.59 -6.69 15.68
C VAL E 115 6.39 -5.84 15.28
N PHE E 116 6.11 -5.80 13.97
CA PHE E 116 4.99 -5.04 13.42
C PHE E 116 4.19 -5.94 12.50
N ILE E 117 2.87 -5.80 12.52
CA ILE E 117 2.00 -6.59 11.65
C ILE E 117 1.22 -5.65 10.75
N PHE E 118 1.04 -6.05 9.49
CA PHE E 118 0.37 -5.22 8.49
C PHE E 118 -0.80 -5.99 7.88
N PRO E 119 -2.02 -5.53 8.04
CA PRO E 119 -3.17 -6.17 7.40
C PRO E 119 -3.15 -5.94 5.90
N PRO E 120 -3.88 -6.74 5.13
CA PRO E 120 -3.96 -6.49 3.69
C PRO E 120 -4.72 -5.22 3.40
N SER E 121 -4.37 -4.59 2.28
CA SER E 121 -5.05 -3.37 1.86
C SER E 121 -6.38 -3.71 1.20
N ASP E 122 -7.30 -2.74 1.23
CA ASP E 122 -8.56 -2.92 0.52
C ASP E 122 -8.34 -3.05 -0.98
N GLU E 123 -7.33 -2.37 -1.51
CA GLU E 123 -7.03 -2.46 -2.93
C GLU E 123 -6.71 -3.90 -3.32
N GLN E 124 -5.86 -4.57 -2.54
CA GLN E 124 -5.51 -5.95 -2.89
C GLN E 124 -6.71 -6.87 -2.78
N LEU E 125 -7.59 -6.64 -1.81
CA LEU E 125 -8.73 -7.53 -1.61
C LEU E 125 -9.73 -7.48 -2.75
N LYS E 126 -9.75 -6.39 -3.53
CA LYS E 126 -10.53 -6.36 -4.76
C LYS E 126 -9.87 -7.10 -5.91
N SER E 127 -8.95 -8.02 -5.61
CA SER E 127 -8.36 -8.90 -6.60
C SER E 127 -8.49 -10.37 -6.23
N GLY E 128 -9.10 -10.68 -5.09
CA GLY E 128 -9.28 -12.05 -4.66
C GLY E 128 -8.17 -12.62 -3.80
N THR E 129 -7.17 -11.81 -3.43
CA THR E 129 -6.06 -12.28 -2.63
C THR E 129 -5.78 -11.30 -1.50
N ALA E 130 -5.25 -11.84 -0.40
CA ALA E 130 -4.93 -11.06 0.78
C ALA E 130 -3.53 -11.44 1.26
N SER E 131 -2.63 -10.47 1.36
CA SER E 131 -1.30 -10.67 1.89
C SER E 131 -1.19 -10.00 3.25
N VAL E 132 -0.71 -10.74 4.24
CA VAL E 132 -0.49 -10.24 5.59
C VAL E 132 1.01 -10.29 5.87
N VAL E 133 1.57 -9.18 6.32
CA VAL E 133 3.01 -9.03 6.46
C VAL E 133 3.35 -8.82 7.93
N CYS E 134 4.33 -9.58 8.41
CA CYS E 134 4.91 -9.43 9.73
C CYS E 134 6.34 -8.96 9.57
N LEU E 135 6.72 -7.89 10.27
CA LEU E 135 8.05 -7.31 10.17
C LEU E 135 8.79 -7.48 11.49
N LEU E 136 9.99 -8.05 11.43
CA LEU E 136 10.92 -8.12 12.56
C LEU E 136 12.07 -7.19 12.23
N ASN E 137 12.24 -6.13 13.01
CA ASN E 137 13.14 -5.04 12.64
C ASN E 137 14.33 -4.96 13.60
N ASN E 138 15.53 -4.94 13.03
CA ASN E 138 16.78 -4.62 13.72
C ASN E 138 16.98 -5.53 14.95
N PHE E 139 17.20 -6.81 14.68
CA PHE E 139 17.42 -7.79 15.73
C PHE E 139 18.75 -8.51 15.52
N TYR E 140 19.25 -9.12 16.60
CA TYR E 140 20.44 -9.96 16.60
C TYR E 140 20.34 -10.91 17.78
N PRO E 141 20.67 -12.21 17.60
CA PRO E 141 21.18 -12.79 16.37
C PRO E 141 20.11 -13.00 15.31
N ARG E 142 20.55 -13.51 14.18
CA ARG E 142 19.69 -13.65 13.01
C ARG E 142 18.68 -14.78 13.16
N GLU E 143 18.96 -15.77 14.00
CA GLU E 143 18.02 -16.87 14.22
C GLU E 143 16.74 -16.35 14.84
N ALA E 144 15.61 -16.73 14.25
CA ALA E 144 14.30 -16.31 14.73
C ALA E 144 13.25 -17.28 14.22
N LYS E 145 12.15 -17.39 14.97
CA LYS E 145 11.02 -18.24 14.60
C LYS E 145 9.78 -17.37 14.49
N VAL E 146 9.18 -17.33 13.31
CA VAL E 146 7.95 -16.59 13.07
C VAL E 146 6.87 -17.59 12.71
N GLN E 147 5.75 -17.55 13.45
CA GLN E 147 4.64 -18.46 13.23
C GLN E 147 3.35 -17.65 13.10
N TRP E 148 2.61 -17.90 12.03
CA TRP E 148 1.33 -17.25 11.80
C TRP E 148 0.21 -18.06 12.45
N LYS E 149 -0.73 -17.35 13.09
CA LYS E 149 -1.90 -17.95 13.71
C LYS E 149 -3.14 -17.23 13.21
N VAL E 150 -4.10 -17.98 12.69
CA VAL E 150 -5.36 -17.44 12.19
C VAL E 150 -6.48 -18.11 12.98
N ASP E 151 -7.14 -17.34 13.84
CA ASP E 151 -8.11 -17.90 14.80
C ASP E 151 -7.50 -19.09 15.54
N ASN E 152 -6.27 -18.89 16.00
CA ASN E 152 -5.47 -19.84 16.77
C ASN E 152 -4.98 -21.03 15.96
N ALA E 153 -5.20 -21.05 14.65
CA ALA E 153 -4.75 -22.15 13.80
C ALA E 153 -3.36 -21.83 13.26
N LEU E 154 -2.40 -22.72 13.50
CA LEU E 154 -1.07 -22.53 12.97
C LEU E 154 -1.07 -22.68 11.45
N GLN E 155 -0.51 -21.68 10.75
CA GLN E 155 -0.49 -21.66 9.30
C GLN E 155 0.80 -22.32 8.79
N SER E 156 0.65 -23.26 7.87
CA SER E 156 1.79 -24.01 7.35
C SER E 156 1.66 -24.14 5.85
N GLY E 157 2.73 -23.79 5.14
CA GLY E 157 2.79 -23.92 3.70
C GLY E 157 2.31 -22.71 2.92
N ASN E 158 1.86 -21.65 3.60
CA ASN E 158 1.32 -20.48 2.90
C ASN E 158 2.02 -19.19 3.29
N SER E 159 3.27 -19.27 3.80
CA SER E 159 4.04 -18.11 4.18
CA SER E 159 4.03 -18.11 4.16
C SER E 159 5.44 -18.21 3.58
N GLN E 160 6.03 -17.05 3.31
CA GLN E 160 7.39 -16.96 2.80
C GLN E 160 8.15 -15.88 3.56
N GLU E 161 9.41 -16.17 3.90
CA GLU E 161 10.26 -15.25 4.63
C GLU E 161 11.32 -14.64 3.74
N SER E 162 11.81 -13.47 4.15
CA SER E 162 12.95 -12.82 3.52
C SER E 162 13.72 -12.08 4.59
N VAL E 163 15.05 -12.07 4.47
CA VAL E 163 15.92 -11.47 5.49
C VAL E 163 16.93 -10.57 4.80
N THR E 164 17.19 -9.41 5.39
CA THR E 164 18.19 -8.50 4.86
C THR E 164 19.59 -8.97 5.25
N GLU E 165 20.58 -8.42 4.54
CA GLU E 165 21.96 -8.59 4.95
C GLU E 165 22.23 -7.80 6.23
N GLN E 166 23.26 -8.21 6.97
CA GLN E 166 23.60 -7.53 8.21
C GLN E 166 23.98 -6.08 7.94
N ASP E 167 23.38 -5.16 8.71
CA ASP E 167 23.59 -3.73 8.51
C ASP E 167 24.75 -3.27 9.38
N SER E 168 25.86 -2.87 8.76
CA SER E 168 27.07 -2.54 9.50
C SER E 168 26.89 -1.34 10.44
N LYS E 169 25.82 -0.56 10.26
CA LYS E 169 25.54 0.53 11.19
C LYS E 169 25.39 0.01 12.61
N ASP E 170 24.46 -0.93 12.81
CA ASP E 170 24.25 -1.52 14.13
C ASP E 170 24.41 -3.03 14.14
N SER E 171 24.87 -3.63 13.04
CA SER E 171 25.14 -5.08 12.96
C SER E 171 23.88 -5.92 13.17
N THR E 172 22.71 -5.37 12.83
CA THR E 172 21.45 -6.08 13.02
C THR E 172 20.91 -6.60 11.69
N TYR E 173 19.93 -7.49 11.80
CA TYR E 173 19.16 -8.01 10.67
C TYR E 173 17.72 -7.53 10.78
N SER E 174 17.01 -7.64 9.66
CA SER E 174 15.57 -7.48 9.65
C SER E 174 14.97 -8.58 8.80
N LEU E 175 13.74 -8.97 9.13
CA LEU E 175 13.10 -10.11 8.50
C LEU E 175 11.63 -9.78 8.23
N SER E 176 11.13 -10.26 7.10
CA SER E 176 9.72 -10.16 6.76
C SER E 176 9.16 -11.57 6.54
N SER E 177 7.97 -11.80 7.07
CA SER E 177 7.20 -13.00 6.77
C SER E 177 5.87 -12.58 6.17
N THR E 178 5.51 -13.18 5.05
CA THR E 178 4.31 -12.80 4.32
C THR E 178 3.38 -14.00 4.22
N LEU E 179 2.19 -13.87 4.81
CA LEU E 179 1.13 -14.87 4.75
C LEU E 179 0.16 -14.49 3.64
N THR E 180 -0.09 -15.41 2.72
CA THR E 180 -0.96 -15.16 1.58
C THR E 180 -2.17 -16.07 1.65
N LEU E 181 -3.35 -15.48 1.68
CA LEU E 181 -4.61 -16.23 1.74
C LEU E 181 -5.50 -15.81 0.58
N SER E 182 -6.40 -16.71 0.20
CA SER E 182 -7.49 -16.31 -0.68
C SER E 182 -8.40 -15.34 0.06
N LYS E 183 -9.10 -14.52 -0.71
CA LYS E 183 -10.04 -13.59 -0.09
C LYS E 183 -11.14 -14.34 0.65
N ALA E 184 -11.60 -15.45 0.07
CA ALA E 184 -12.63 -16.25 0.74
C ALA E 184 -12.14 -16.76 2.09
N ASP E 185 -10.91 -17.29 2.14
CA ASP E 185 -10.35 -17.72 3.41
C ASP E 185 -10.17 -16.54 4.36
N TYR E 186 -9.72 -15.39 3.84
CA TYR E 186 -9.48 -14.23 4.69
C TYR E 186 -10.76 -13.78 5.37
N GLU E 187 -11.85 -13.65 4.60
CA GLU E 187 -13.11 -13.15 5.15
C GLU E 187 -13.79 -14.14 6.09
N LYS E 188 -13.35 -15.39 6.13
CA LYS E 188 -13.95 -16.39 7.01
C LYS E 188 -13.38 -16.37 8.42
N HIS E 189 -12.36 -15.56 8.68
CA HIS E 189 -11.68 -15.59 9.98
C HIS E 189 -11.49 -14.17 10.50
N LYS E 190 -11.23 -14.08 11.81
CA LYS E 190 -11.20 -12.81 12.51
C LYS E 190 -9.81 -12.42 13.00
N VAL E 191 -9.17 -13.27 13.80
CA VAL E 191 -7.93 -12.91 14.49
C VAL E 191 -6.74 -13.35 13.65
N TYR E 192 -5.87 -12.40 13.31
CA TYR E 192 -4.66 -12.66 12.53
C TYR E 192 -3.46 -12.22 13.35
N ALA E 193 -2.58 -13.17 13.69
CA ALA E 193 -1.44 -12.90 14.54
C ALA E 193 -0.17 -13.55 13.97
N CYS E 194 0.96 -12.89 14.18
CA CYS E 194 2.26 -13.50 13.98
C CYS E 194 2.96 -13.58 15.34
N GLU E 195 3.54 -14.73 15.63
CA GLU E 195 4.17 -15.03 16.91
C GLU E 195 5.67 -15.19 16.69
N VAL E 196 6.47 -14.44 17.44
CA VAL E 196 7.90 -14.33 17.20
C VAL E 196 8.66 -14.85 18.42
N THR E 197 9.56 -15.80 18.18
CA THR E 197 10.47 -16.32 19.20
C THR E 197 11.88 -15.88 18.86
N HIS E 198 12.61 -15.38 19.86
CA HIS E 198 13.95 -14.86 19.65
C HIS E 198 14.69 -14.84 20.97
N GLN E 199 16.02 -14.96 20.89
CA GLN E 199 16.85 -15.02 22.09
C GLN E 199 16.68 -13.77 22.96
N GLY E 200 16.42 -12.62 22.35
CA GLY E 200 16.23 -11.39 23.09
C GLY E 200 14.87 -11.20 23.71
N LEU E 201 13.97 -12.16 23.55
CA LEU E 201 12.63 -12.09 24.11
C LEU E 201 12.47 -13.16 25.18
N SER E 202 12.00 -12.75 26.35
CA SER E 202 11.77 -13.70 27.44
C SER E 202 10.65 -14.67 27.09
N SER E 203 9.58 -14.18 26.48
CA SER E 203 8.47 -14.98 26.01
C SER E 203 8.16 -14.59 24.57
N PRO E 204 7.56 -15.50 23.80
CA PRO E 204 7.19 -15.16 22.42
C PRO E 204 6.26 -13.94 22.38
N VAL E 205 6.58 -13.01 21.49
CA VAL E 205 5.78 -11.80 21.31
C VAL E 205 4.78 -12.05 20.19
N THR E 206 3.51 -11.76 20.47
CA THR E 206 2.41 -11.97 19.52
C THR E 206 1.82 -10.62 19.16
N LYS E 207 1.89 -10.26 17.88
CA LYS E 207 1.22 -9.08 17.35
C LYS E 207 0.05 -9.53 16.50
N SER E 208 -1.12 -8.93 16.72
CA SER E 208 -2.33 -9.42 16.08
C SER E 208 -3.23 -8.24 15.70
N PHE E 209 -4.21 -8.54 14.85
CA PHE E 209 -5.28 -7.60 14.52
C PHE E 209 -6.55 -8.38 14.21
N ASN E 210 -7.68 -7.72 14.40
CA ASN E 210 -8.99 -8.28 14.05
C ASN E 210 -9.44 -7.73 12.71
N ARG E 211 -9.81 -8.63 11.80
CA ARG E 211 -10.23 -8.23 10.47
C ARG E 211 -11.44 -7.29 10.55
N GLY E 212 -11.34 -6.16 9.86
CA GLY E 212 -12.41 -5.19 9.81
C GLY E 212 -12.45 -4.22 10.97
N GLU E 213 -11.51 -4.29 11.90
CA GLU E 213 -11.48 -3.39 13.04
C GLU E 213 -10.25 -2.49 12.99
N GLY F 8 48.45 -40.28 -15.62
CA GLY F 8 47.35 -39.40 -15.25
C GLY F 8 47.73 -37.94 -15.27
N GLN F 9 47.14 -37.18 -16.20
CA GLN F 9 47.47 -35.76 -16.35
C GLN F 9 46.34 -34.93 -15.74
N THR F 10 46.48 -34.64 -14.46
CA THR F 10 45.53 -33.84 -13.71
C THR F 10 45.74 -32.36 -13.96
N ALA F 11 44.74 -31.55 -13.59
CA ALA F 11 44.87 -30.11 -13.71
C ALA F 11 45.99 -29.59 -12.81
N GLY F 12 46.09 -30.13 -11.59
CA GLY F 12 47.11 -29.65 -10.68
C GLY F 12 48.52 -29.88 -11.20
N GLU F 13 48.79 -31.10 -11.65
CA GLU F 13 50.09 -31.43 -12.24
C GLU F 13 50.47 -30.45 -13.34
N LEU F 14 49.60 -30.30 -14.34
CA LEU F 14 49.88 -29.40 -15.45
C LEU F 14 50.16 -27.99 -14.95
N TYR F 15 49.42 -27.54 -13.95
CA TYR F 15 49.64 -26.21 -13.38
C TYR F 15 50.97 -26.15 -12.64
N GLN F 16 51.34 -27.22 -11.93
CA GLN F 16 52.62 -27.25 -11.23
C GLN F 16 53.78 -27.11 -12.22
N ARG F 17 53.71 -27.85 -13.33
CA ARG F 17 54.80 -27.80 -14.31
C ARG F 17 54.84 -26.46 -15.01
N TRP F 18 53.67 -25.87 -15.27
CA TRP F 18 53.63 -24.51 -15.82
C TRP F 18 54.24 -23.51 -14.84
N GLU F 19 53.91 -23.65 -13.54
CA GLU F 19 54.49 -22.78 -12.53
C GLU F 19 56.00 -22.90 -12.50
N ARG F 20 56.53 -24.12 -12.67
CA ARG F 20 57.98 -24.30 -12.70
C ARG F 20 58.60 -23.66 -13.94
N TYR F 21 57.96 -23.84 -15.10
CA TYR F 21 58.45 -23.19 -16.31
C TYR F 21 58.49 -21.68 -16.14
N ARG F 22 57.44 -21.09 -15.57
CA ARG F 22 57.43 -19.65 -15.32
C ARG F 22 58.58 -19.25 -14.43
N ARG F 23 58.88 -20.06 -13.41
CA ARG F 23 60.01 -19.76 -12.54
C ARG F 23 61.32 -19.73 -13.30
N GLU F 24 61.53 -20.70 -14.19
CA GLU F 24 62.73 -20.71 -15.02
C GLU F 24 62.79 -19.47 -15.91
N CYS F 25 61.64 -19.02 -16.42
CA CYS F 25 61.61 -17.79 -17.21
C CYS F 25 61.92 -16.59 -16.34
N GLN F 26 61.31 -16.52 -15.16
CA GLN F 26 61.56 -15.40 -14.24
C GLN F 26 63.02 -15.31 -13.85
N GLU F 27 63.70 -16.46 -13.71
CA GLU F 27 65.12 -16.46 -13.36
C GLU F 27 65.97 -16.04 -14.56
N THR F 28 65.64 -16.54 -15.75
CA THR F 28 66.41 -16.19 -16.94
C THR F 28 66.33 -14.70 -17.24
N LEU F 29 65.13 -14.11 -17.08
CA LEU F 29 64.97 -12.69 -17.38
C LEU F 29 65.65 -11.81 -16.33
N ALA F 30 65.67 -12.25 -15.07
CA ALA F 30 66.27 -11.44 -14.01
C ALA F 30 67.79 -11.46 -14.07
N ALA F 31 68.38 -12.52 -14.62
CA ALA F 31 69.82 -12.64 -14.75
C ALA F 31 70.33 -12.26 -16.14
N ALA F 32 69.44 -11.83 -17.03
CA ALA F 32 69.80 -11.59 -18.42
C ALA F 32 70.47 -10.24 -18.60
N GLU F 33 71.36 -10.18 -19.59
CA GLU F 33 72.03 -8.95 -19.97
C GLU F 33 71.02 -7.95 -20.55
N PRO F 34 70.82 -6.79 -19.93
CA PRO F 34 69.91 -5.80 -20.49
C PRO F 34 70.58 -5.02 -21.62
N PRO F 35 70.07 -5.12 -22.84
CA PRO F 35 70.77 -4.54 -23.99
C PRO F 35 70.97 -3.04 -23.86
N SER F 36 72.02 -2.56 -24.55
CA SER F 36 72.38 -1.14 -24.47
C SER F 36 71.34 -0.28 -25.16
N GLY F 37 71.09 -0.54 -26.44
CA GLY F 37 70.21 0.28 -27.25
C GLY F 37 68.76 -0.13 -27.17
N LEU F 38 68.03 0.20 -28.23
CA LEU F 38 66.60 -0.10 -28.28
C LEU F 38 66.37 -1.58 -28.51
N ALA F 39 65.38 -2.13 -27.81
CA ALA F 39 65.07 -3.56 -27.93
C ALA F 39 63.70 -3.83 -27.31
N CYS F 40 63.07 -4.90 -27.77
CA CYS F 40 61.88 -5.42 -27.13
C CYS F 40 62.30 -6.14 -25.86
N ASN F 41 61.75 -5.73 -24.72
CA ASN F 41 62.23 -6.24 -23.44
C ASN F 41 61.83 -7.69 -23.23
N GLY F 42 62.76 -8.47 -22.66
CA GLY F 42 62.46 -9.86 -22.36
C GLY F 42 61.28 -9.97 -21.42
N SER F 43 60.42 -10.95 -21.68
CA SER F 43 59.16 -11.03 -20.96
C SER F 43 58.57 -12.42 -21.07
N PHE F 44 57.62 -12.69 -20.16
CA PHE F 44 56.83 -13.91 -20.17
C PHE F 44 55.40 -13.52 -20.57
N ASP F 45 54.87 -14.18 -21.61
CA ASP F 45 53.54 -13.87 -22.11
C ASP F 45 52.49 -14.89 -21.63
N MET F 46 52.73 -15.50 -20.47
CA MET F 46 51.90 -16.55 -19.86
C MET F 46 52.04 -17.88 -20.57
N TYR F 47 52.60 -17.90 -21.78
CA TYR F 47 52.74 -19.13 -22.55
C TYR F 47 54.18 -19.56 -22.76
N VAL F 48 55.07 -18.63 -23.06
CA VAL F 48 56.45 -18.95 -23.38
C VAL F 48 57.33 -17.77 -22.99
N CYS F 49 58.63 -18.05 -22.81
CA CYS F 49 59.57 -17.03 -22.38
C CYS F 49 60.23 -16.38 -23.58
N TRP F 50 60.25 -15.06 -23.60
CA TRP F 50 60.86 -14.29 -24.68
C TRP F 50 62.09 -13.56 -24.16
N ASP F 51 63.23 -13.78 -24.83
CA ASP F 51 64.45 -13.03 -24.56
C ASP F 51 64.31 -11.61 -25.11
N TYR F 52 65.25 -10.75 -24.73
CA TYR F 52 65.37 -9.46 -25.38
C TYR F 52 65.57 -9.67 -26.88
N ALA F 53 64.94 -8.81 -27.68
CA ALA F 53 64.99 -8.94 -29.14
C ALA F 53 65.34 -7.61 -29.78
N ALA F 54 66.15 -7.67 -30.83
CA ALA F 54 66.47 -6.48 -31.58
C ALA F 54 65.25 -6.01 -32.37
N PRO F 55 65.12 -4.70 -32.58
CA PRO F 55 64.01 -4.20 -33.41
C PRO F 55 64.03 -4.84 -34.79
N ASN F 56 62.84 -5.15 -35.30
CA ASN F 56 62.58 -5.76 -36.60
C ASN F 56 62.98 -7.23 -36.65
N ALA F 57 63.47 -7.80 -35.56
CA ALA F 57 63.77 -9.23 -35.53
C ALA F 57 62.50 -10.03 -35.27
N THR F 58 62.56 -11.31 -35.64
CA THR F 58 61.52 -12.27 -35.30
C THR F 58 62.11 -13.19 -34.24
N ALA F 59 61.63 -13.05 -33.00
CA ALA F 59 62.14 -13.87 -31.91
C ALA F 59 61.61 -15.28 -32.03
N ARG F 60 62.35 -16.21 -31.45
CA ARG F 60 61.97 -17.62 -31.42
C ARG F 60 62.09 -18.14 -30.00
N ALA F 61 61.14 -18.99 -29.61
CA ALA F 61 61.16 -19.64 -28.31
C ALA F 61 60.80 -21.10 -28.51
N SER F 62 61.54 -21.98 -27.85
CA SER F 62 61.27 -23.40 -27.94
C SER F 62 59.89 -23.71 -27.36
N CYS F 63 59.20 -24.66 -27.96
CA CYS F 63 57.91 -25.09 -27.45
C CYS F 63 58.03 -25.39 -25.95
N PRO F 64 57.18 -24.82 -25.12
CA PRO F 64 57.35 -24.97 -23.67
C PRO F 64 57.22 -26.43 -23.24
N TRP F 65 58.05 -26.81 -22.26
CA TRP F 65 58.14 -28.21 -21.88
C TRP F 65 56.97 -28.68 -21.02
N TYR F 66 56.19 -27.76 -20.46
CA TYR F 66 55.05 -28.18 -19.63
C TYR F 66 53.89 -28.72 -20.47
N LEU F 67 53.93 -28.58 -21.79
CA LEU F 67 52.83 -29.04 -22.62
C LEU F 67 52.67 -30.55 -22.50
N PRO F 68 51.45 -31.06 -22.33
CA PRO F 68 51.28 -32.52 -22.23
C PRO F 68 51.83 -33.29 -23.42
N TRP F 69 51.88 -32.67 -24.59
CA TRP F 69 52.41 -33.29 -25.81
C TRP F 69 53.80 -32.77 -26.16
N HIS F 70 54.58 -32.35 -25.17
CA HIS F 70 55.87 -31.73 -25.45
C HIS F 70 56.87 -32.68 -26.09
N HIS F 71 56.64 -33.99 -26.02
CA HIS F 71 57.58 -34.91 -26.63
C HIS F 71 57.42 -35.00 -28.15
N HIS F 72 56.28 -34.59 -28.67
CA HIS F 72 56.01 -34.62 -30.10
C HIS F 72 56.42 -33.33 -30.82
N VAL F 73 56.65 -32.24 -30.09
CA VAL F 73 56.93 -30.95 -30.71
C VAL F 73 58.14 -30.31 -30.03
N ALA F 74 58.97 -31.13 -29.40
CA ALA F 74 60.10 -30.59 -28.62
C ALA F 74 61.07 -29.80 -29.49
N ALA F 75 61.11 -30.08 -30.80
CA ALA F 75 61.97 -29.35 -31.71
C ALA F 75 61.32 -28.09 -32.28
N GLY F 76 60.02 -27.92 -32.08
CA GLY F 76 59.32 -26.77 -32.63
C GLY F 76 59.69 -25.48 -31.94
N PHE F 77 59.19 -24.39 -32.50
CA PHE F 77 59.49 -23.05 -32.00
C PHE F 77 58.28 -22.14 -32.13
N VAL F 78 58.19 -21.18 -31.21
CA VAL F 78 57.18 -20.13 -31.24
C VAL F 78 57.81 -18.88 -31.83
N LEU F 79 57.05 -18.14 -32.64
CA LEU F 79 57.54 -16.95 -33.32
C LEU F 79 56.76 -15.72 -32.88
N ARG F 80 57.48 -14.63 -32.67
CA ARG F 80 56.88 -13.33 -32.37
C ARG F 80 57.81 -12.24 -32.88
N GLN F 81 57.22 -11.23 -33.53
CA GLN F 81 57.99 -10.14 -34.14
C GLN F 81 58.24 -9.03 -33.13
N CYS F 82 59.41 -8.41 -33.23
CA CYS F 82 59.77 -7.26 -32.43
C CYS F 82 59.69 -6.01 -33.31
N GLY F 83 58.86 -5.05 -32.90
CA GLY F 83 58.60 -3.90 -33.75
C GLY F 83 59.82 -3.03 -33.93
N SER F 84 59.74 -2.15 -34.93
CA SER F 84 60.84 -1.23 -35.21
C SER F 84 61.07 -0.27 -34.05
N ASP F 85 60.03 0.00 -33.26
CA ASP F 85 60.10 0.96 -32.16
C ASP F 85 60.46 0.30 -30.83
N GLY F 86 60.87 -0.96 -30.83
CA GLY F 86 61.20 -1.64 -29.60
C GLY F 86 60.02 -2.17 -28.81
N GLN F 87 58.85 -2.25 -29.44
CA GLN F 87 57.66 -2.85 -28.82
C GLN F 87 57.36 -4.17 -29.49
N TRP F 88 56.97 -5.16 -28.70
CA TRP F 88 56.64 -6.47 -29.23
C TRP F 88 55.42 -6.41 -30.13
N GLY F 89 55.46 -7.14 -31.25
CA GLY F 89 54.30 -7.29 -32.08
C GLY F 89 53.22 -8.11 -31.38
N LEU F 90 51.97 -7.90 -31.81
CA LEU F 90 50.85 -8.59 -31.19
C LEU F 90 50.74 -10.04 -31.64
N TRP F 91 51.07 -10.33 -32.90
CA TRP F 91 50.87 -11.67 -33.42
C TRP F 91 51.88 -12.64 -32.81
N ARG F 92 51.38 -13.81 -32.44
CA ARG F 92 52.20 -14.91 -31.93
C ARG F 92 51.86 -16.16 -32.72
N ASP F 93 52.88 -16.78 -33.31
CA ASP F 93 52.70 -18.00 -34.09
C ASP F 93 53.23 -19.16 -33.26
N HIS F 94 52.31 -20.00 -32.77
CA HIS F 94 52.68 -21.19 -32.01
C HIS F 94 52.15 -22.46 -32.65
N THR F 95 51.87 -22.43 -33.95
CA THR F 95 51.36 -23.63 -34.63
C THR F 95 52.36 -24.78 -34.58
N GLN F 96 53.65 -24.48 -34.45
CA GLN F 96 54.64 -25.54 -34.29
C GLN F 96 54.46 -26.31 -32.99
N CYS F 97 53.79 -25.72 -32.00
CA CYS F 97 53.66 -26.32 -30.69
C CYS F 97 52.25 -26.80 -30.39
N GLU F 98 51.35 -26.73 -31.37
CA GLU F 98 49.97 -27.14 -31.14
C GLU F 98 49.89 -28.64 -30.92
N ASN F 99 48.85 -29.04 -30.18
CA ASN F 99 48.59 -30.45 -29.95
C ASN F 99 48.33 -31.14 -31.28
N PRO F 100 49.12 -32.14 -31.67
CA PRO F 100 48.89 -32.82 -32.96
C PRO F 100 47.53 -33.48 -33.07
N GLU F 101 46.80 -33.68 -31.97
CA GLU F 101 45.49 -34.28 -31.98
C GLU F 101 44.37 -33.27 -31.85
N LYS F 102 44.64 -32.00 -32.12
CA LYS F 102 43.66 -30.98 -31.79
C LYS F 102 42.53 -30.99 -32.81
N ASN F 103 41.28 -30.92 -32.30
CA ASN F 103 40.10 -30.86 -33.13
C ASN F 103 38.97 -30.36 -32.23
N GLU F 104 38.63 -29.07 -32.37
CA GLU F 104 37.67 -28.46 -31.46
C GLU F 104 36.26 -28.95 -31.70
N ALA F 105 35.86 -29.06 -32.97
CA ALA F 105 34.50 -29.51 -33.29
C ALA F 105 34.28 -30.95 -32.85
N PHE F 106 35.29 -31.80 -33.00
CA PHE F 106 35.18 -33.18 -32.56
C PHE F 106 34.93 -33.26 -31.06
N LEU F 107 35.63 -32.43 -30.28
CA LEU F 107 35.46 -32.43 -28.83
C LEU F 107 34.09 -31.88 -28.45
N ASP F 108 33.65 -30.81 -29.10
CA ASP F 108 32.32 -30.25 -28.81
C ASP F 108 31.23 -31.27 -29.09
N GLN F 109 31.32 -31.96 -30.24
CA GLN F 109 30.33 -32.97 -30.58
C GLN F 109 30.32 -34.11 -29.57
N ARG F 110 31.50 -34.60 -29.21
CA ARG F 110 31.59 -35.86 -28.46
C ARG F 110 31.01 -35.72 -27.05
N LEU F 111 31.20 -34.55 -26.41
CA LEU F 111 30.61 -34.35 -25.10
C LEU F 111 29.09 -34.22 -25.19
N ILE F 112 28.59 -33.74 -26.33
CA ILE F 112 27.15 -33.61 -26.51
C ILE F 112 26.50 -34.97 -26.73
N LEU F 113 27.11 -35.83 -27.55
CA LEU F 113 26.58 -37.14 -27.89
C LEU F 113 26.18 -37.96 -26.67
C1 EDO G . 6.73 -9.99 -0.02
O1 EDO G . 6.64 -9.49 1.32
C2 EDO G . 7.07 -11.48 0.01
O2 EDO G . 8.39 -11.64 0.57
C1 EDO H . 55.52 -13.88 -35.99
O1 EDO H . 54.42 -12.97 -36.15
C2 EDO H . 55.80 -14.59 -37.30
O2 EDO H . 56.14 -13.62 -38.30
#